data_7P1J
#
_entry.id   7P1J
#
_cell.length_a   1.00
_cell.length_b   1.00
_cell.length_c   1.00
_cell.angle_alpha   90.00
_cell.angle_beta   90.00
_cell.angle_gamma   90.00
#
_symmetry.space_group_name_H-M   'P 1'
#
_entity_poly.entity_id   1
_entity_poly.type   'polypeptide(L)'
_entity_poly.pdbx_seq_one_letter_code
;MRNQDKRAAHKDSEPSTEVNHTASSYQGRQQETGMNLRGIDGNEPTEGSNLLNNNEKMQGTPAEPNHLQRRRQIHACPPR
GLLARVITNVTMVILLWAVVWSVTGSECLPGGNLFGIIMLFYCAIIGGKLFGLIKLPTLPPLPPLLGMLLAGFLIRNVPV
ISDNIQIKHKWSSALRSIALSVILVRAGLGLDSNALKKLKGVCVRLSLGPCLIEACTSAVLAYFLMGLPWQWGFMLGFVL
GAVSPAVVVPSMLLLQEGGYGVEKGIPTLLMAAGSFDDILAITGFNTCLGMAFSTGSTVFNVLKGVLEVIIGVVTGLVLG
FFIQYFPSSDQDNLVWKRAFLVLGLSVLAVFSSTYFGFPGSGGLCTLVTAFLAGRGWASTKTDVEKVIAVAWDIFQPLLF
GLIGAEVLITALRPETIGLCVATLGIAVLIRILVTYLMVCFAGFNIKEKIFISFAWLPKATVQAAIGSVALDTARSHGEK
QLEGYGMDVLTVAFLSIIITAPVGSLLIGLLGPRLLQKAEQNKDEEDQGETSIQV
;
_entity_poly.pdbx_strand_id   B,A
#
# COMPACT_ATOMS: atom_id res chain seq x y z
N PRO A 78 -1.25 -12.36 -36.05
CA PRO A 78 -0.24 -11.87 -35.10
C PRO A 78 -0.76 -10.72 -34.26
N PRO A 79 -0.51 -10.76 -32.94
CA PRO A 79 -0.95 -9.67 -32.07
C PRO A 79 -0.27 -8.36 -32.44
N ARG A 80 -1.01 -7.27 -32.28
CA ARG A 80 -0.53 -5.92 -32.54
C ARG A 80 -0.25 -5.23 -31.21
N GLY A 81 0.97 -4.72 -31.05
CA GLY A 81 1.33 -4.10 -29.78
C GLY A 81 0.54 -2.85 -29.47
N LEU A 82 0.24 -2.05 -30.50
CA LEU A 82 -0.50 -0.80 -30.29
C LEU A 82 -1.90 -1.07 -29.76
N LEU A 83 -2.57 -2.08 -30.29
CA LEU A 83 -3.93 -2.42 -29.88
C LEU A 83 -3.97 -3.36 -28.68
N ALA A 84 -2.83 -3.84 -28.21
CA ALA A 84 -2.77 -4.71 -27.05
C ALA A 84 -2.19 -4.05 -25.81
N ARG A 85 -1.35 -3.02 -25.97
CA ARG A 85 -0.82 -2.32 -24.82
C ARG A 85 -1.93 -1.64 -24.03
N VAL A 86 -2.87 -0.99 -24.73
CA VAL A 86 -3.99 -0.35 -24.05
C VAL A 86 -4.85 -1.38 -23.34
N ILE A 87 -5.12 -2.51 -24.01
CA ILE A 87 -5.93 -3.55 -23.39
C ILE A 87 -5.24 -4.11 -22.16
N THR A 88 -3.93 -4.35 -22.24
CA THR A 88 -3.19 -4.88 -21.10
C THR A 88 -3.22 -3.88 -19.93
N ASN A 89 -3.02 -2.59 -20.23
CA ASN A 89 -3.06 -1.59 -19.17
C ASN A 89 -4.44 -1.49 -18.54
N VAL A 90 -5.49 -1.52 -19.37
CA VAL A 90 -6.85 -1.41 -18.84
C VAL A 90 -7.18 -2.60 -17.94
N THR A 91 -6.80 -3.81 -18.36
CA THR A 91 -7.04 -4.99 -17.54
C THR A 91 -6.29 -4.92 -16.22
N MET A 92 -5.05 -4.41 -16.25
CA MET A 92 -4.27 -4.28 -15.02
C MET A 92 -4.91 -3.28 -14.06
N VAL A 93 -5.42 -2.17 -14.58
CA VAL A 93 -5.99 -1.14 -13.72
C VAL A 93 -7.25 -1.64 -13.04
N ILE A 94 -8.17 -2.24 -13.80
CA ILE A 94 -9.41 -2.72 -13.21
C ILE A 94 -9.15 -3.86 -12.24
N LEU A 95 -8.17 -4.72 -12.55
CA LEU A 95 -7.80 -5.79 -11.63
C LEU A 95 -7.24 -5.23 -10.33
N LEU A 96 -6.38 -4.22 -10.43
CA LEU A 96 -5.87 -3.56 -9.22
C LEU A 96 -6.99 -2.83 -8.49
N TRP A 97 -7.93 -2.23 -9.24
CA TRP A 97 -9.05 -1.54 -8.62
C TRP A 97 -9.93 -2.51 -7.85
N ALA A 98 -10.13 -3.72 -8.37
CA ALA A 98 -10.92 -4.72 -7.66
C ALA A 98 -10.26 -5.15 -6.36
N VAL A 99 -8.93 -5.18 -6.34
CA VAL A 99 -8.20 -5.52 -5.11
C VAL A 99 -8.50 -4.49 -4.02
N VAL A 100 -8.48 -3.20 -4.38
CA VAL A 100 -8.80 -2.16 -3.42
C VAL A 100 -10.25 -2.27 -2.98
N TRP A 101 -11.14 -2.71 -3.87
CA TRP A 101 -12.54 -2.89 -3.51
C TRP A 101 -12.71 -3.94 -2.43
N SER A 102 -11.93 -5.02 -2.49
CA SER A 102 -11.99 -6.05 -1.46
C SER A 102 -11.42 -5.54 -0.15
N VAL A 103 -10.28 -4.85 -0.21
CA VAL A 103 -9.63 -4.38 1.01
C VAL A 103 -10.47 -3.30 1.69
N THR A 104 -10.92 -2.31 0.92
CA THR A 104 -11.70 -1.20 1.47
C THR A 104 -13.17 -1.40 1.14
N GLY A 105 -14.01 -1.45 2.18
CA GLY A 105 -15.43 -1.66 1.96
C GLY A 105 -16.10 -0.51 1.24
N SER A 106 -15.48 0.66 1.24
CA SER A 106 -16.02 1.84 0.58
C SER A 106 -14.86 2.62 -0.01
N GLU A 107 -15.13 3.87 -0.43
CA GLU A 107 -14.14 4.78 -0.98
C GLU A 107 -13.62 4.30 -2.34
N CYS A 108 -14.10 3.15 -2.80
CA CYS A 108 -13.76 2.65 -4.13
C CYS A 108 -14.82 2.98 -5.17
N LEU A 109 -16.06 3.22 -4.74
CA LEU A 109 -17.11 3.64 -5.64
C LEU A 109 -16.83 5.07 -6.12
N PRO A 110 -17.47 5.48 -7.22
CA PRO A 110 -17.26 6.86 -7.70
C PRO A 110 -17.56 7.93 -6.67
N GLY A 111 -18.54 7.68 -5.80
CA GLY A 111 -18.87 8.64 -4.76
C GLY A 111 -17.88 8.68 -3.60
N GLY A 112 -16.94 7.75 -3.55
CA GLY A 112 -15.98 7.73 -2.46
C GLY A 112 -14.96 8.84 -2.56
N ASN A 113 -14.38 9.19 -1.41
CA ASN A 113 -13.37 10.25 -1.39
C ASN A 113 -12.04 9.76 -1.94
N LEU A 114 -11.70 8.49 -1.70
CA LEU A 114 -10.45 7.96 -2.23
C LEU A 114 -10.45 7.92 -3.75
N PHE A 115 -11.60 7.60 -4.35
CA PHE A 115 -11.71 7.64 -5.81
C PHE A 115 -11.50 9.06 -6.34
N GLY A 116 -12.01 10.05 -5.62
CA GLY A 116 -11.81 11.43 -6.05
C GLY A 116 -10.36 11.86 -6.01
N ILE A 117 -9.61 11.36 -5.05
CA ILE A 117 -8.19 11.70 -4.95
C ILE A 117 -7.44 11.19 -6.17
N ILE A 118 -7.72 9.95 -6.59
CA ILE A 118 -7.07 9.40 -7.77
C ILE A 118 -7.47 10.17 -9.02
N MET A 119 -8.76 10.50 -9.16
CA MET A 119 -9.22 11.26 -10.31
C MET A 119 -8.61 12.65 -10.33
N LEU A 120 -8.56 13.32 -9.18
CA LEU A 120 -7.95 14.64 -9.11
C LEU A 120 -6.46 14.58 -9.45
N PHE A 121 -5.79 13.53 -8.99
CA PHE A 121 -4.38 13.34 -9.32
C PHE A 121 -4.20 13.16 -10.83
N TYR A 122 -5.05 12.35 -11.46
CA TYR A 122 -4.93 12.12 -12.90
C TYR A 122 -5.36 13.36 -13.69
N CYS A 123 -6.41 14.04 -13.24
CA CYS A 123 -6.85 15.25 -13.95
C CYS A 123 -5.79 16.33 -13.92
N ALA A 124 -5.12 16.50 -12.78
CA ALA A 124 -4.04 17.48 -12.70
C ALA A 124 -2.85 17.06 -13.57
N ILE A 125 -2.58 15.76 -13.64
CA ILE A 125 -1.45 15.28 -14.45
C ILE A 125 -1.70 15.55 -15.93
N ILE A 126 -2.90 15.18 -16.42
CA ILE A 126 -3.20 15.38 -17.83
C ILE A 126 -3.33 16.87 -18.14
N GLY A 127 -3.84 17.65 -17.18
CA GLY A 127 -3.93 19.09 -17.40
C GLY A 127 -2.58 19.74 -17.57
N GLY A 128 -1.59 19.33 -16.77
CA GLY A 128 -0.25 19.87 -16.91
C GLY A 128 0.40 19.49 -18.23
N LYS A 129 0.19 18.24 -18.67
CA LYS A 129 0.76 17.79 -19.92
C LYS A 129 0.18 18.56 -21.11
N LEU A 130 -1.14 18.78 -21.10
CA LEU A 130 -1.77 19.52 -22.19
C LEU A 130 -1.28 20.97 -22.24
N PHE A 131 -1.14 21.60 -21.07
CA PHE A 131 -0.66 22.98 -20.98
C PHE A 131 0.87 22.96 -20.94
N GLY A 132 1.47 22.90 -22.13
CA GLY A 132 2.92 22.90 -22.23
C GLY A 132 3.46 22.03 -23.34
N LEU A 133 2.64 21.10 -23.84
CA LEU A 133 3.05 20.20 -24.90
C LEU A 133 2.20 20.30 -26.16
N ILE A 134 1.07 21.01 -26.11
CA ILE A 134 0.18 21.11 -27.26
C ILE A 134 0.03 22.58 -27.67
N LYS A 135 -0.45 23.41 -26.75
CA LYS A 135 -0.71 24.81 -27.02
C LYS A 135 0.29 25.72 -26.31
N LEU A 136 1.51 25.23 -26.10
CA LEU A 136 2.54 26.04 -25.45
C LEU A 136 2.96 27.19 -26.35
N PRO A 137 3.28 28.35 -25.78
CA PRO A 137 3.80 29.45 -26.60
C PRO A 137 5.16 29.12 -27.19
N THR A 138 5.48 29.81 -28.29
CA THR A 138 6.71 29.51 -29.04
C THR A 138 7.94 29.78 -28.19
N LEU A 139 8.20 31.05 -27.87
CA LEU A 139 9.41 31.40 -27.12
C LEU A 139 9.27 31.04 -25.64
N PRO A 140 8.24 31.48 -24.93
CA PRO A 140 8.14 31.15 -23.50
C PRO A 140 7.48 29.80 -23.31
N PRO A 141 8.12 28.88 -22.59
CA PRO A 141 7.47 27.60 -22.26
C PRO A 141 6.34 27.82 -21.26
N LEU A 142 5.22 27.14 -21.48
CA LEU A 142 4.07 27.26 -20.59
C LEU A 142 4.28 26.40 -19.35
N PRO A 143 4.29 26.99 -18.15
CA PRO A 143 4.45 26.17 -16.95
C PRO A 143 3.22 25.33 -16.70
N PRO A 144 3.36 24.16 -16.06
CA PRO A 144 2.19 23.33 -15.76
C PRO A 144 1.33 23.85 -14.62
N LEU A 145 1.77 24.91 -13.92
CA LEU A 145 1.01 25.42 -12.80
C LEU A 145 -0.35 25.94 -13.24
N LEU A 146 -0.39 26.63 -14.39
CA LEU A 146 -1.66 27.14 -14.90
C LEU A 146 -2.63 26.01 -15.22
N GLY A 147 -2.13 24.93 -15.81
CA GLY A 147 -2.99 23.80 -16.13
C GLY A 147 -3.57 23.13 -14.90
N MET A 148 -2.76 23.00 -13.84
CA MET A 148 -3.23 22.36 -12.61
C MET A 148 -4.36 23.16 -11.98
N LEU A 149 -4.22 24.49 -11.95
CA LEU A 149 -5.28 25.32 -11.38
C LEU A 149 -6.56 25.22 -12.20
N LEU A 150 -6.44 25.25 -13.53
CA LEU A 150 -7.62 25.14 -14.38
C LEU A 150 -8.27 23.76 -14.23
N ALA A 151 -7.46 22.70 -14.16
CA ALA A 151 -8.03 21.36 -14.00
C ALA A 151 -8.81 21.22 -12.70
N GLY A 152 -8.26 21.75 -11.60
CA GLY A 152 -8.98 21.72 -10.35
C GLY A 152 -10.21 22.61 -10.37
N PHE A 153 -10.12 23.75 -11.05
CA PHE A 153 -11.25 24.66 -11.12
C PHE A 153 -12.44 24.02 -11.85
N LEU A 154 -12.17 23.32 -12.95
CA LEU A 154 -13.24 22.73 -13.74
C LEU A 154 -13.99 21.66 -12.95
N ILE A 155 -13.26 20.84 -12.19
CA ILE A 155 -13.89 19.74 -11.46
C ILE A 155 -14.88 20.28 -10.42
N ARG A 156 -14.47 21.30 -9.66
CA ARG A 156 -15.29 21.80 -8.58
C ARG A 156 -16.43 22.69 -9.07
N ASN A 157 -16.22 23.44 -10.14
CA ASN A 157 -17.17 24.46 -10.59
C ASN A 157 -18.22 23.92 -11.54
N VAL A 158 -18.46 22.61 -11.53
CA VAL A 158 -19.53 22.00 -12.33
C VAL A 158 -20.43 21.19 -11.41
N PRO A 159 -21.72 21.52 -11.34
CA PRO A 159 -22.60 20.81 -10.38
C PRO A 159 -22.68 19.31 -10.60
N VAL A 160 -22.66 18.85 -11.84
CA VAL A 160 -22.75 17.42 -12.10
C VAL A 160 -21.42 16.72 -11.84
N ILE A 161 -20.32 17.47 -11.75
CA ILE A 161 -19.02 16.91 -11.41
C ILE A 161 -18.57 17.38 -10.02
N SER A 162 -19.52 17.80 -9.19
CA SER A 162 -19.22 18.24 -7.83
C SER A 162 -19.74 17.30 -6.76
N ASP A 163 -20.86 16.61 -7.01
CA ASP A 163 -21.42 15.67 -6.04
C ASP A 163 -20.95 14.24 -6.25
N ASN A 164 -20.71 13.84 -7.50
CA ASN A 164 -20.22 12.49 -7.75
C ASN A 164 -18.82 12.29 -7.18
N ILE A 165 -17.96 13.29 -7.31
CA ILE A 165 -16.60 13.24 -6.78
C ILE A 165 -16.48 14.29 -5.69
N GLN A 166 -16.10 13.86 -4.49
CA GLN A 166 -15.95 14.74 -3.35
C GLN A 166 -14.71 14.33 -2.57
N ILE A 167 -14.12 15.31 -1.88
CA ILE A 167 -12.93 15.09 -1.05
C ILE A 167 -13.20 15.70 0.32
N LYS A 168 -12.94 14.93 1.38
CA LYS A 168 -13.19 15.41 2.73
C LYS A 168 -12.15 16.45 3.13
N HIS A 169 -12.53 17.27 4.12
CA HIS A 169 -11.65 18.36 4.55
C HIS A 169 -10.43 17.84 5.28
N LYS A 170 -10.59 16.79 6.09
CA LYS A 170 -9.48 16.27 6.88
C LYS A 170 -8.35 15.76 5.99
N TRP A 171 -8.70 15.02 4.93
CA TRP A 171 -7.68 14.54 4.01
C TRP A 171 -7.02 15.69 3.26
N SER A 172 -7.80 16.69 2.87
CA SER A 172 -7.23 17.85 2.17
C SER A 172 -6.24 18.60 3.06
N SER A 173 -6.62 18.82 4.33
CA SER A 173 -5.72 19.51 5.25
C SER A 173 -4.46 18.69 5.52
N ALA A 174 -4.61 17.37 5.70
CA ALA A 174 -3.46 16.53 5.95
C ALA A 174 -2.53 16.49 4.74
N LEU A 175 -3.10 16.40 3.53
CA LEU A 175 -2.28 16.36 2.33
C LEU A 175 -1.54 17.67 2.10
N ARG A 176 -2.17 18.80 2.44
CA ARG A 176 -1.48 20.09 2.31
C ARG A 176 -0.25 20.14 3.21
N SER A 177 -0.38 19.66 4.45
CA SER A 177 0.76 19.66 5.37
C SER A 177 1.87 18.74 4.88
N ILE A 178 1.51 17.57 4.35
CA ILE A 178 2.51 16.63 3.84
C ILE A 178 3.22 17.23 2.64
N ALA A 179 2.46 17.80 1.71
CA ALA A 179 3.06 18.41 0.52
C ALA A 179 3.94 19.59 0.89
N LEU A 180 3.50 20.40 1.86
CA LEU A 180 4.32 21.52 2.33
C LEU A 180 5.61 21.03 2.95
N SER A 181 5.56 19.92 3.69
CA SER A 181 6.77 19.38 4.31
C SER A 181 7.76 18.91 3.26
N VAL A 182 7.28 18.34 2.15
CA VAL A 182 8.17 17.80 1.13
C VAL A 182 9.02 18.90 0.51
N ILE A 183 8.39 20.04 0.17
CA ILE A 183 9.14 21.12 -0.45
C ILE A 183 10.10 21.77 0.55
N LEU A 184 9.73 21.77 1.84
CA LEU A 184 10.59 22.38 2.84
C LEU A 184 11.87 21.57 3.05
N VAL A 185 11.76 20.25 3.18
CA VAL A 185 12.94 19.43 3.41
C VAL A 185 13.83 19.41 2.17
N ARG A 186 13.23 19.38 0.98
CA ARG A 186 14.01 19.42 -0.25
C ARG A 186 14.74 20.75 -0.40
N ALA A 187 14.09 21.85 -0.02
CA ALA A 187 14.74 23.16 -0.08
C ALA A 187 15.91 23.23 0.89
N GLY A 188 15.73 22.73 2.12
CA GLY A 188 16.80 22.75 3.09
C GLY A 188 17.95 21.83 2.70
N LEU A 189 17.63 20.68 2.12
CA LEU A 189 18.67 19.76 1.69
C LEU A 189 19.54 20.36 0.59
N GLY A 190 18.91 21.07 -0.35
CA GLY A 190 19.64 21.71 -1.44
C GLY A 190 20.30 23.02 -1.09
N LEU A 191 20.11 23.52 0.14
CA LEU A 191 20.74 24.76 0.56
C LEU A 191 22.25 24.58 0.64
N ASP A 192 22.96 25.64 0.23
CA ASP A 192 24.42 25.62 0.17
C ASP A 192 24.99 26.03 1.52
N SER A 193 25.99 25.30 2.00
CA SER A 193 26.60 25.58 3.28
C SER A 193 27.37 26.90 3.24
N ASN A 194 27.53 27.51 4.41
CA ASN A 194 28.28 28.75 4.62
C ASN A 194 27.58 29.95 3.99
N ALA A 195 26.44 29.72 3.32
CA ALA A 195 25.69 30.83 2.75
C ALA A 195 25.14 31.74 3.83
N LEU A 196 24.64 31.16 4.92
CA LEU A 196 24.10 31.95 6.02
C LEU A 196 25.19 32.78 6.69
N LYS A 197 26.36 32.18 6.89
CA LYS A 197 27.44 32.89 7.57
C LYS A 197 27.94 34.09 6.78
N LYS A 198 28.03 33.95 5.45
CA LYS A 198 28.53 35.04 4.63
C LYS A 198 27.60 36.25 4.67
N LEU A 199 26.30 36.02 4.56
CA LEU A 199 25.33 37.13 4.55
C LEU A 199 24.02 36.60 5.16
N LYS A 200 23.80 36.93 6.44
CA LYS A 200 22.57 36.60 7.11
C LYS A 200 21.69 37.80 7.41
N GLY A 201 22.27 39.01 7.48
CA GLY A 201 21.46 40.18 7.76
C GLY A 201 20.45 40.48 6.66
N VAL A 202 20.87 40.33 5.40
CA VAL A 202 19.96 40.58 4.29
C VAL A 202 18.81 39.57 4.28
N CYS A 203 19.11 38.32 4.68
CA CYS A 203 18.06 37.31 4.74
C CYS A 203 17.01 37.66 5.79
N VAL A 204 17.44 38.14 6.96
CA VAL A 204 16.50 38.50 8.01
C VAL A 204 15.67 39.72 7.59
N ARG A 205 16.33 40.73 7.02
CA ARG A 205 15.62 41.94 6.61
C ARG A 205 14.61 41.62 5.51
N LEU A 206 14.98 40.76 4.56
CA LEU A 206 14.04 40.37 3.51
C LEU A 206 12.88 39.56 4.06
N SER A 207 13.12 38.79 5.13
CA SER A 207 12.05 38.00 5.71
C SER A 207 11.05 38.87 6.48
N LEU A 208 11.54 39.92 7.14
CA LEU A 208 10.71 40.72 8.03
C LEU A 208 10.22 42.00 7.36
N GLY A 209 11.10 42.67 6.61
CA GLY A 209 10.82 43.99 6.09
C GLY A 209 9.64 44.07 5.13
N PRO A 210 9.81 43.52 3.92
CA PRO A 210 8.74 43.65 2.92
C PRO A 210 7.44 42.99 3.32
N CYS A 211 7.48 41.89 4.09
CA CYS A 211 6.25 41.20 4.47
C CYS A 211 5.38 42.07 5.36
N LEU A 212 5.98 42.69 6.37
CA LEU A 212 5.20 43.52 7.30
C LEU A 212 4.72 44.81 6.63
N ILE A 213 5.58 45.43 5.81
CA ILE A 213 5.22 46.68 5.17
C ILE A 213 4.07 46.47 4.19
N GLU A 214 4.12 45.38 3.41
CA GLU A 214 3.07 45.12 2.43
C GLU A 214 1.72 44.90 3.11
N ALA A 215 1.71 44.17 4.23
CA ALA A 215 0.47 43.95 4.96
C ALA A 215 -0.10 45.26 5.47
N CYS A 216 0.75 46.13 6.02
CA CYS A 216 0.28 47.42 6.53
C CYS A 216 -0.24 48.30 5.40
N THR A 217 0.49 48.36 4.28
CA THR A 217 0.05 49.19 3.16
C THR A 217 -1.25 48.66 2.56
N SER A 218 -1.37 47.34 2.44
CA SER A 218 -2.60 46.76 1.91
C SER A 218 -3.80 47.08 2.79
N ALA A 219 -3.62 47.00 4.11
CA ALA A 219 -4.70 47.34 5.03
C ALA A 219 -5.10 48.81 4.91
N VAL A 220 -4.11 49.70 4.82
CA VAL A 220 -4.41 51.12 4.64
C VAL A 220 -5.07 51.36 3.29
N LEU A 221 -4.56 50.73 2.23
CA LEU A 221 -5.17 50.88 0.91
C LEU A 221 -6.60 50.33 0.89
N ALA A 222 -6.80 49.18 1.54
CA ALA A 222 -8.16 48.64 1.65
C ALA A 222 -9.05 49.55 2.47
N TYR A 223 -8.51 50.14 3.54
CA TYR A 223 -9.28 51.05 4.36
C TYR A 223 -9.71 52.27 3.55
N PHE A 224 -10.90 52.79 3.89
CA PHE A 224 -11.55 53.91 3.19
C PHE A 224 -11.98 53.55 1.79
N LEU A 225 -11.87 52.29 1.40
CA LEU A 225 -12.28 51.81 0.08
C LEU A 225 -13.41 50.78 0.14
N MET A 226 -13.34 49.83 1.06
CA MET A 226 -14.38 48.82 1.19
C MET A 226 -15.32 49.06 2.37
N GLY A 227 -14.89 49.80 3.38
CA GLY A 227 -15.71 50.09 4.54
C GLY A 227 -15.56 49.11 5.69
N LEU A 228 -14.79 48.04 5.51
CA LEU A 228 -14.59 47.09 6.61
C LEU A 228 -13.75 47.72 7.71
N PRO A 229 -13.99 47.34 8.97
CA PRO A 229 -13.24 47.94 10.08
C PRO A 229 -11.79 47.48 10.09
N TRP A 230 -11.04 48.02 11.05
CA TRP A 230 -9.63 47.68 11.17
C TRP A 230 -9.42 46.21 11.51
N GLN A 231 -10.35 45.61 12.25
CA GLN A 231 -10.22 44.20 12.60
C GLN A 231 -10.20 43.32 11.36
N TRP A 232 -11.09 43.61 10.39
CA TRP A 232 -11.08 42.88 9.13
C TRP A 232 -9.95 43.37 8.22
N GLY A 233 -9.63 44.66 8.29
CA GLY A 233 -8.57 45.20 7.43
C GLY A 233 -7.21 44.62 7.74
N PHE A 234 -6.87 44.55 9.03
CA PHE A 234 -5.58 43.98 9.42
C PHE A 234 -5.50 42.50 9.08
N MET A 235 -6.58 41.76 9.30
CA MET A 235 -6.57 40.34 8.99
C MET A 235 -6.37 40.09 7.50
N LEU A 236 -7.02 40.90 6.66
CA LEU A 236 -6.84 40.76 5.21
C LEU A 236 -5.40 41.06 4.81
N GLY A 237 -4.78 42.06 5.43
CA GLY A 237 -3.42 42.41 5.09
C GLY A 237 -2.43 41.29 5.37
N PHE A 238 -2.56 40.64 6.53
CA PHE A 238 -1.68 39.53 6.85
C PHE A 238 -1.87 38.37 5.88
N VAL A 239 -3.12 38.05 5.54
CA VAL A 239 -3.38 36.98 4.58
C VAL A 239 -2.83 37.33 3.22
N LEU A 240 -3.08 38.56 2.76
CA LEU A 240 -2.62 38.98 1.43
C LEU A 240 -1.10 39.01 1.37
N GLY A 241 -0.44 39.53 2.40
CA GLY A 241 1.00 39.61 2.41
C GLY A 241 1.66 38.38 3.00
N ALA A 242 2.12 37.46 2.14
CA ALA A 242 2.75 36.24 2.60
C ALA A 242 3.55 35.58 1.47
N VAL A 243 4.79 35.21 1.75
CA VAL A 243 5.63 34.51 0.79
C VAL A 243 5.74 33.05 1.20
N SER A 244 5.50 32.16 0.24
CA SER A 244 5.50 30.71 0.51
C SER A 244 6.54 30.02 -0.34
N PRO A 245 7.33 29.10 0.22
CA PRO A 245 8.34 28.39 -0.58
C PRO A 245 7.78 27.28 -1.45
N ALA A 246 6.48 26.99 -1.38
CA ALA A 246 5.92 25.87 -2.12
C ALA A 246 6.00 26.07 -3.63
N VAL A 247 6.16 27.30 -4.11
CA VAL A 247 6.20 27.60 -5.53
C VAL A 247 7.57 28.11 -5.96
N VAL A 248 8.18 28.98 -5.16
CA VAL A 248 9.44 29.60 -5.57
C VAL A 248 10.58 28.60 -5.55
N VAL A 249 10.60 27.67 -4.58
CA VAL A 249 11.72 26.75 -4.45
C VAL A 249 11.94 25.89 -5.69
N PRO A 250 10.92 25.30 -6.32
CA PRO A 250 11.18 24.57 -7.58
C PRO A 250 11.82 25.43 -8.64
N SER A 251 11.46 26.72 -8.73
CA SER A 251 12.11 27.61 -9.68
C SER A 251 13.57 27.83 -9.32
N MET A 252 13.87 28.02 -8.04
CA MET A 252 15.25 28.28 -7.62
C MET A 252 16.12 27.06 -7.84
N LEU A 253 15.61 25.86 -7.53
CA LEU A 253 16.41 24.65 -7.67
C LEU A 253 16.76 24.38 -9.13
N LEU A 254 15.82 24.62 -10.04
CA LEU A 254 16.13 24.50 -11.47
C LEU A 254 17.19 25.52 -11.88
N LEU A 255 17.12 26.73 -11.35
CA LEU A 255 18.16 27.73 -11.60
C LEU A 255 19.50 27.27 -11.03
N GLN A 256 19.48 26.71 -9.82
CA GLN A 256 20.72 26.24 -9.21
C GLN A 256 21.33 25.07 -9.99
N GLU A 257 20.48 24.13 -10.43
CA GLU A 257 20.99 22.98 -11.18
C GLU A 257 21.57 23.42 -12.52
N GLY A 258 20.92 24.36 -13.19
CA GLY A 258 21.41 24.85 -14.47
C GLY A 258 22.67 25.67 -14.34
N GLY A 259 22.56 26.83 -13.70
CA GLY A 259 23.71 27.68 -13.48
C GLY A 259 23.96 28.68 -14.59
N TYR A 260 23.97 29.97 -14.25
CA TYR A 260 24.25 31.04 -15.19
C TYR A 260 25.25 32.00 -14.56
N GLY A 261 26.41 32.15 -15.18
CA GLY A 261 27.47 32.96 -14.60
C GLY A 261 28.01 32.35 -13.33
N VAL A 262 27.98 33.12 -12.24
CA VAL A 262 28.42 32.64 -10.93
C VAL A 262 27.29 32.86 -9.95
N GLU A 263 26.84 31.77 -9.31
CA GLU A 263 25.75 31.82 -8.34
C GLU A 263 26.35 32.06 -6.95
N LYS A 264 26.31 33.31 -6.49
CA LYS A 264 26.85 33.64 -5.18
C LYS A 264 25.80 33.45 -4.09
N GLY A 265 25.18 32.27 -4.05
CA GLY A 265 24.19 31.98 -3.04
C GLY A 265 22.87 32.68 -3.22
N ILE A 266 22.64 33.30 -4.38
CA ILE A 266 21.36 34.01 -4.60
C ILE A 266 20.16 33.07 -4.55
N PRO A 267 20.15 31.92 -5.24
CA PRO A 267 19.01 31.00 -5.09
C PRO A 267 18.80 30.52 -3.66
N THR A 268 19.89 30.28 -2.93
CA THR A 268 19.76 29.82 -1.55
C THR A 268 19.25 30.93 -0.64
N LEU A 269 19.66 32.18 -0.92
CA LEU A 269 19.22 33.30 -0.09
C LEU A 269 17.70 33.49 -0.17
N LEU A 270 17.14 33.40 -1.38
CA LEU A 270 15.71 33.56 -1.54
C LEU A 270 14.94 32.41 -0.89
N MET A 271 15.44 31.18 -1.04
CA MET A 271 14.76 30.03 -0.45
C MET A 271 14.76 30.10 1.07
N ALA A 272 15.90 30.48 1.67
CA ALA A 272 15.98 30.54 3.12
C ALA A 272 15.13 31.67 3.69
N ALA A 273 15.16 32.84 3.04
CA ALA A 273 14.40 33.98 3.54
C ALA A 273 12.90 33.73 3.46
N GLY A 274 12.43 33.15 2.36
CA GLY A 274 11.01 32.91 2.17
C GLY A 274 10.57 31.53 2.60
N SER A 275 11.08 31.05 3.72
CA SER A 275 10.73 29.73 4.24
C SER A 275 10.03 29.76 5.58
N PHE A 276 10.54 30.55 6.53
CA PHE A 276 9.95 30.64 7.86
C PHE A 276 8.98 31.82 8.00
N ASP A 277 8.68 32.50 6.90
CA ASP A 277 7.72 33.60 6.95
C ASP A 277 6.32 33.13 7.28
N ASP A 278 6.05 31.83 7.11
CA ASP A 278 4.72 31.29 7.40
C ASP A 278 4.38 31.43 8.87
N ILE A 279 5.37 31.23 9.76
CA ILE A 279 5.12 31.32 11.19
C ILE A 279 4.68 32.74 11.56
N LEU A 280 5.35 33.75 11.01
CA LEU A 280 4.94 35.13 11.28
C LEU A 280 3.55 35.42 10.72
N ALA A 281 3.25 34.88 9.53
CA ALA A 281 1.96 35.15 8.90
C ALA A 281 0.82 34.58 9.73
N ILE A 282 0.95 33.34 10.20
CA ILE A 282 -0.10 32.73 11.00
C ILE A 282 -0.18 33.40 12.37
N THR A 283 0.96 33.82 12.92
CA THR A 283 0.97 34.49 14.22
C THR A 283 0.19 35.80 14.15
N GLY A 284 0.41 36.58 13.07
CA GLY A 284 -0.35 37.80 12.90
C GLY A 284 -1.82 37.52 12.65
N PHE A 285 -2.13 36.50 11.86
CA PHE A 285 -3.52 36.14 11.62
C PHE A 285 -4.22 35.69 12.89
N ASN A 286 -3.54 34.86 13.71
CA ASN A 286 -4.12 34.43 14.97
C ASN A 286 -4.30 35.59 15.93
N THR A 287 -3.30 36.48 16.00
CA THR A 287 -3.41 37.65 16.89
C THR A 287 -4.56 38.56 16.47
N CYS A 288 -4.70 38.81 15.17
CA CYS A 288 -5.79 39.65 14.69
C CYS A 288 -7.14 38.98 14.88
N LEU A 289 -7.19 37.66 14.69
CA LEU A 289 -8.45 36.94 14.89
C LEU A 289 -8.91 37.01 16.34
N GLY A 290 -7.97 36.89 17.28
CA GLY A 290 -8.34 37.00 18.68
C GLY A 290 -8.89 38.37 19.04
N MET A 291 -8.26 39.42 18.52
CA MET A 291 -8.76 40.77 18.76
C MET A 291 -10.12 40.98 18.11
N ALA A 292 -10.32 40.45 16.90
CA ALA A 292 -11.60 40.58 16.23
C ALA A 292 -12.67 39.68 16.84
N PHE A 293 -12.28 38.71 17.66
CA PHE A 293 -13.22 37.81 18.31
C PHE A 293 -14.04 38.56 19.37
N PHE A 300 -0.62 38.39 23.94
CA PHE A 300 -1.18 37.06 24.14
C PHE A 300 -0.65 36.08 23.10
N ASN A 301 -1.18 36.17 21.88
CA ASN A 301 -0.74 35.29 20.80
C ASN A 301 0.67 35.59 20.35
N VAL A 302 1.16 36.81 20.56
CA VAL A 302 2.54 37.14 20.19
C VAL A 302 3.52 36.32 21.02
N LEU A 303 3.28 36.23 22.33
CA LEU A 303 4.14 35.41 23.18
C LEU A 303 4.07 33.95 22.79
N LYS A 304 2.88 33.46 22.46
CA LYS A 304 2.73 32.07 22.03
C LYS A 304 3.49 31.81 20.73
N GLY A 305 3.44 32.76 19.80
CA GLY A 305 4.14 32.58 18.54
C GLY A 305 5.65 32.49 18.72
N VAL A 306 6.19 33.26 19.67
CA VAL A 306 7.62 33.19 19.95
C VAL A 306 8.00 31.80 20.48
N LEU A 307 7.15 31.23 21.34
CA LEU A 307 7.43 29.90 21.88
C LEU A 307 7.44 28.86 20.76
N GLU A 308 6.58 29.02 19.75
CA GLU A 308 6.57 28.09 18.63
C GLU A 308 7.90 28.09 17.89
N VAL A 309 8.47 29.28 17.69
CA VAL A 309 9.77 29.37 17.02
C VAL A 309 10.86 28.72 17.87
N ILE A 310 10.82 28.96 19.18
CA ILE A 310 11.85 28.40 20.07
C ILE A 310 11.77 26.88 20.07
N ILE A 311 10.56 26.33 20.16
CA ILE A 311 10.39 24.88 20.16
C ILE A 311 10.85 24.28 18.84
N GLY A 312 10.53 24.93 17.73
CA GLY A 312 10.92 24.41 16.44
C GLY A 312 12.43 24.34 16.26
N VAL A 313 13.14 25.36 16.73
CA VAL A 313 14.59 25.35 16.64
C VAL A 313 15.19 24.24 17.50
N VAL A 314 14.67 24.08 18.73
CA VAL A 314 15.18 23.06 19.62
C VAL A 314 14.92 21.66 19.06
N THR A 315 13.71 21.43 18.57
CA THR A 315 13.38 20.13 17.99
C THR A 315 14.24 19.84 16.75
N GLY A 316 14.44 20.85 15.91
CA GLY A 316 15.28 20.65 14.73
C GLY A 316 16.73 20.37 15.08
N LEU A 317 17.25 21.07 16.09
CA LEU A 317 18.65 20.84 16.49
C LEU A 317 18.83 19.44 17.05
N VAL A 318 17.90 18.98 17.90
CA VAL A 318 17.99 17.64 18.46
C VAL A 318 17.85 16.59 17.36
N LEU A 319 16.89 16.78 16.46
CA LEU A 319 16.68 15.83 15.37
C LEU A 319 17.81 15.87 14.35
N GLY A 320 18.56 16.97 14.28
CA GLY A 320 19.65 17.05 13.32
C GLY A 320 20.75 16.06 13.60
N PHE A 321 21.10 15.88 14.88
CA PHE A 321 22.16 14.94 15.25
C PHE A 321 21.74 13.49 15.12
N PHE A 322 20.45 13.21 14.94
CA PHE A 322 19.95 11.85 14.83
C PHE A 322 19.87 11.37 13.38
N ILE A 323 20.26 12.20 12.42
CA ILE A 323 20.24 11.81 11.02
C ILE A 323 21.67 11.79 10.48
N GLN A 324 22.54 12.59 11.09
CA GLN A 324 23.95 12.60 10.70
C GLN A 324 24.77 11.56 11.44
N TYR A 325 24.23 10.92 12.46
CA TYR A 325 24.97 9.97 13.28
C TYR A 325 24.45 8.54 13.16
N PHE A 326 23.16 8.31 13.42
CA PHE A 326 22.62 6.96 13.35
C PHE A 326 22.70 6.37 11.95
N PRO A 327 22.30 7.05 10.87
CA PRO A 327 22.55 6.51 9.53
C PRO A 327 24.00 6.68 9.11
N SER A 328 24.76 5.59 9.10
CA SER A 328 26.17 5.62 8.76
C SER A 328 26.44 4.81 7.50
N SER A 329 27.68 4.91 7.01
CA SER A 329 28.07 4.18 5.82
C SER A 329 28.10 2.68 6.04
N ASP A 330 28.09 2.23 7.30
CA ASP A 330 28.10 0.80 7.59
C ASP A 330 26.83 0.13 7.06
N GLN A 331 25.68 0.80 7.21
CA GLN A 331 24.42 0.25 6.74
C GLN A 331 24.38 0.28 5.20
N ASP A 332 23.43 -0.47 4.64
CA ASP A 332 23.25 -0.58 3.21
C ASP A 332 21.98 0.16 2.77
N ASN A 333 21.90 0.42 1.47
CA ASN A 333 20.78 1.14 0.87
C ASN A 333 20.57 2.49 1.53
N LEU A 334 21.65 3.27 1.62
CA LEU A 334 21.59 4.57 2.27
C LEU A 334 20.69 5.53 1.51
N VAL A 335 20.63 5.42 0.19
CA VAL A 335 19.85 6.35 -0.62
C VAL A 335 18.37 6.25 -0.26
N TRP A 336 17.84 5.03 -0.20
CA TRP A 336 16.43 4.85 0.13
C TRP A 336 16.18 5.04 1.61
N LYS A 337 17.09 4.58 2.46
CA LYS A 337 16.87 4.64 3.90
C LYS A 337 16.88 6.08 4.41
N ARG A 338 17.88 6.86 4.01
CA ARG A 338 17.97 8.23 4.49
C ARG A 338 16.85 9.09 3.95
N ALA A 339 16.49 8.92 2.67
CA ALA A 339 15.41 9.71 2.09
C ALA A 339 14.08 9.41 2.78
N PHE A 340 13.81 8.13 3.05
CA PHE A 340 12.59 7.79 3.77
C PHE A 340 12.60 8.32 5.19
N LEU A 341 13.77 8.28 5.85
CA LEU A 341 13.86 8.71 7.24
C LEU A 341 13.57 10.20 7.38
N VAL A 342 14.20 11.03 6.53
CA VAL A 342 14.01 12.47 6.64
C VAL A 342 12.59 12.86 6.27
N LEU A 343 11.99 12.17 5.29
CA LEU A 343 10.62 12.46 4.90
C LEU A 343 9.64 12.11 6.02
N GLY A 344 9.83 10.95 6.65
CA GLY A 344 8.93 10.54 7.71
C GLY A 344 9.03 11.41 8.95
N LEU A 345 10.27 11.78 9.33
CA LEU A 345 10.45 12.64 10.49
C LEU A 345 9.84 14.02 10.27
N SER A 346 9.97 14.56 9.05
CA SER A 346 9.37 15.85 8.74
C SER A 346 7.86 15.79 8.85
N VAL A 347 7.24 14.73 8.32
CA VAL A 347 5.79 14.58 8.42
C VAL A 347 5.36 14.43 9.86
N LEU A 348 6.09 13.60 10.62
CA LEU A 348 5.73 13.36 12.01
C LEU A 348 5.83 14.64 12.84
N ALA A 349 6.87 15.44 12.60
CA ALA A 349 7.05 16.68 13.37
C ALA A 349 5.92 17.66 13.10
N VAL A 350 5.51 17.80 11.84
CA VAL A 350 4.45 18.76 11.50
C VAL A 350 3.13 18.32 12.11
N PHE A 351 2.79 17.03 11.98
CA PHE A 351 1.54 16.53 12.53
C PHE A 351 1.52 16.63 14.05
N SER A 352 2.63 16.31 14.70
CA SER A 352 2.68 16.38 16.16
C SER A 352 2.51 17.82 16.64
N SER A 353 3.18 18.77 15.98
CA SER A 353 3.05 20.16 16.37
C SER A 353 1.64 20.69 16.13
N THR A 354 1.06 20.35 14.98
CA THR A 354 -0.29 20.82 14.66
C THR A 354 -1.32 20.23 15.63
N TYR A 355 -1.20 18.94 15.93
CA TYR A 355 -2.16 18.29 16.83
C TYR A 355 -2.03 18.82 18.25
N PHE A 356 -0.81 19.17 18.67
CA PHE A 356 -0.60 19.60 20.05
C PHE A 356 -1.34 20.91 20.35
N GLY A 357 -1.36 21.84 19.40
CA GLY A 357 -2.07 23.09 19.60
C GLY A 357 -1.37 24.31 19.04
N PHE A 358 -0.16 24.13 18.52
CA PHE A 358 0.62 25.22 17.94
C PHE A 358 1.08 24.82 16.54
N PRO A 359 0.19 24.90 15.55
CA PRO A 359 0.59 24.59 14.18
C PRO A 359 1.56 25.61 13.63
N GLY A 360 2.38 25.15 12.68
CA GLY A 360 3.37 25.99 12.03
C GLY A 360 4.77 25.86 12.59
N SER A 361 4.90 25.34 13.82
CA SER A 361 6.23 25.14 14.39
C SER A 361 7.00 24.07 13.65
N GLY A 362 6.31 23.06 13.12
CA GLY A 362 6.98 22.01 12.38
C GLY A 362 7.52 22.47 11.05
N GLY A 363 6.97 23.56 10.51
CA GLY A 363 7.48 24.09 9.25
C GLY A 363 8.93 24.55 9.35
N LEU A 364 9.26 25.22 10.45
CA LEU A 364 10.65 25.62 10.68
C LEU A 364 11.51 24.44 11.13
N CYS A 365 10.92 23.47 11.84
CA CYS A 365 11.69 22.35 12.36
C CYS A 365 12.31 21.52 11.23
N THR A 366 11.53 21.26 10.17
CA THR A 366 12.07 20.48 9.06
C THR A 366 13.14 21.25 8.31
N LEU A 367 13.00 22.59 8.23
CA LEU A 367 14.03 23.40 7.58
C LEU A 367 15.33 23.34 8.36
N VAL A 368 15.26 23.45 9.69
CA VAL A 368 16.46 23.33 10.51
C VAL A 368 17.05 21.93 10.42
N THR A 369 16.18 20.91 10.47
CA THR A 369 16.66 19.54 10.39
C THR A 369 17.34 19.26 9.05
N ALA A 370 16.75 19.76 7.96
CA ALA A 370 17.39 19.62 6.65
C ALA A 370 18.70 20.40 6.58
N PHE A 371 18.72 21.60 7.19
CA PHE A 371 19.95 22.39 7.21
C PHE A 371 21.06 21.67 7.99
N LEU A 372 20.70 21.09 9.13
CA LEU A 372 21.69 20.32 9.89
C LEU A 372 22.16 19.09 9.11
N ALA A 373 21.23 18.42 8.43
CA ALA A 373 21.63 17.30 7.57
C ALA A 373 22.53 17.76 6.43
N GLY A 374 22.21 18.93 5.84
CA GLY A 374 23.06 19.45 4.78
C GLY A 374 24.44 19.82 5.27
N ARG A 375 24.52 20.41 6.47
CA ARG A 375 25.82 20.77 7.03
C ARG A 375 26.64 19.55 7.41
N GLY A 376 25.99 18.43 7.73
CA GLY A 376 26.72 17.21 8.05
C GLY A 376 27.48 16.67 6.84
N TRP A 377 27.00 16.96 5.64
CA TRP A 377 27.64 16.57 4.38
C TRP A 377 27.78 15.05 4.30
N ALA A 378 26.62 14.39 4.21
CA ALA A 378 26.60 12.94 4.09
C ALA A 378 27.19 12.48 2.76
N SER A 379 27.38 13.41 1.82
CA SER A 379 27.93 13.22 0.47
C SER A 379 26.95 12.50 -0.44
N THR A 380 25.77 12.12 0.03
CA THR A 380 24.75 11.48 -0.79
C THR A 380 23.61 12.43 -1.13
N LYS A 381 23.89 13.73 -1.25
CA LYS A 381 22.84 14.71 -1.49
C LYS A 381 22.15 14.46 -2.83
N THR A 382 22.93 14.39 -3.91
CA THR A 382 22.34 14.18 -5.23
C THR A 382 21.71 12.80 -5.36
N ASP A 383 22.18 11.81 -4.58
CA ASP A 383 21.57 10.49 -4.62
C ASP A 383 20.14 10.54 -4.08
N VAL A 384 19.93 11.27 -2.98
CA VAL A 384 18.59 11.35 -2.40
C VAL A 384 17.77 12.53 -2.92
N GLU A 385 18.42 13.53 -3.51
CA GLU A 385 17.67 14.65 -4.09
C GLU A 385 16.79 14.18 -5.23
N LYS A 386 17.29 13.26 -6.06
CA LYS A 386 16.49 12.75 -7.18
C LYS A 386 15.25 12.02 -6.67
N VAL A 387 15.40 11.23 -5.61
CA VAL A 387 14.25 10.51 -5.05
C VAL A 387 13.22 11.49 -4.51
N ILE A 388 13.66 12.49 -3.77
CA ILE A 388 12.74 13.49 -3.22
C ILE A 388 12.12 14.32 -4.34
N ALA A 389 12.90 14.62 -5.38
CA ALA A 389 12.38 15.37 -6.52
C ALA A 389 11.26 14.61 -7.21
N VAL A 390 11.42 13.30 -7.39
CA VAL A 390 10.36 12.49 -7.97
C VAL A 390 9.13 12.53 -7.07
N ALA A 391 9.33 12.40 -5.76
CA ALA A 391 8.21 12.48 -4.83
C ALA A 391 7.56 13.86 -4.88
N TRP A 392 8.37 14.91 -4.93
CA TRP A 392 7.81 16.26 -5.05
C TRP A 392 7.07 16.44 -6.38
N ASP A 393 7.61 15.88 -7.46
CA ASP A 393 6.93 15.97 -8.75
C ASP A 393 5.59 15.24 -8.72
N ILE A 394 5.50 14.18 -7.90
CA ILE A 394 4.23 13.48 -7.74
C ILE A 394 3.23 14.34 -6.95
N PHE A 395 3.69 14.92 -5.85
CA PHE A 395 2.79 15.67 -4.98
C PHE A 395 2.47 17.06 -5.52
N GLN A 396 3.25 17.56 -6.47
CA GLN A 396 3.01 18.91 -6.99
C GLN A 396 1.64 19.05 -7.65
N PRO A 397 1.22 18.17 -8.57
CA PRO A 397 -0.16 18.28 -9.08
C PRO A 397 -1.21 18.08 -8.01
N LEU A 398 -0.94 17.22 -7.03
CA LEU A 398 -1.92 16.95 -5.96
C LEU A 398 -2.14 18.19 -5.11
N LEU A 399 -1.06 18.91 -4.78
CA LEU A 399 -1.19 20.09 -3.94
C LEU A 399 -1.98 21.18 -4.64
N PHE A 400 -1.71 21.41 -5.93
CA PHE A 400 -2.44 22.43 -6.68
C PHE A 400 -3.89 22.01 -6.93
N GLY A 401 -4.14 20.71 -7.08
CA GLY A 401 -5.50 20.26 -7.31
C GLY A 401 -6.42 20.54 -6.15
N LEU A 402 -5.93 20.35 -4.92
CA LEU A 402 -6.74 20.64 -3.75
C LEU A 402 -7.04 22.12 -3.62
N ILE A 403 -6.07 22.98 -3.96
CA ILE A 403 -6.27 24.42 -3.85
C ILE A 403 -7.34 24.89 -4.82
N GLY A 404 -7.32 24.39 -6.05
CA GLY A 404 -8.27 24.80 -7.05
C GLY A 404 -9.60 24.11 -7.02
N ALA A 405 -9.82 23.19 -6.08
CA ALA A 405 -11.09 22.46 -5.98
C ALA A 405 -11.98 22.99 -4.87
N GLU A 406 -11.86 24.28 -4.54
CA GLU A 406 -12.71 24.90 -3.54
C GLU A 406 -13.17 26.27 -4.03
N VAL A 407 -13.55 26.35 -5.31
CA VAL A 407 -13.95 27.60 -5.93
C VAL A 407 -15.41 27.58 -6.37
N LEU A 408 -16.16 26.54 -5.98
CA LEU A 408 -17.55 26.45 -6.42
C LEU A 408 -18.41 27.54 -5.81
N ILE A 409 -18.07 28.01 -4.61
CA ILE A 409 -18.87 29.04 -3.95
C ILE A 409 -18.88 30.33 -4.76
N THR A 410 -17.72 30.74 -5.26
CA THR A 410 -17.57 31.98 -6.02
C THR A 410 -17.42 31.72 -7.52
N ALA A 411 -18.13 30.71 -8.04
CA ALA A 411 -18.01 30.39 -9.46
C ALA A 411 -18.48 31.54 -10.34
N LEU A 412 -19.69 32.06 -10.07
CA LEU A 412 -20.22 33.22 -10.80
C LEU A 412 -20.91 34.13 -9.78
N ARG A 413 -20.14 35.05 -9.21
CA ARG A 413 -20.65 36.02 -8.25
C ARG A 413 -20.13 37.41 -8.60
N PRO A 414 -20.71 38.05 -9.62
CA PRO A 414 -20.29 39.42 -9.96
C PRO A 414 -20.72 40.43 -8.91
N GLU A 415 -19.76 40.92 -8.12
CA GLU A 415 -20.02 41.86 -7.03
C GLU A 415 -18.99 42.99 -7.06
N THR A 416 -18.79 43.56 -8.25
CA THR A 416 -17.84 44.65 -8.48
C THR A 416 -16.44 44.23 -8.04
N ILE A 417 -15.92 43.21 -8.72
CA ILE A 417 -14.59 42.68 -8.42
C ILE A 417 -13.46 43.58 -8.89
N GLY A 418 -13.78 44.64 -9.64
CA GLY A 418 -12.74 45.54 -10.10
C GLY A 418 -11.98 46.22 -8.97
N LEU A 419 -12.68 46.55 -7.88
CA LEU A 419 -12.02 47.13 -6.72
C LEU A 419 -11.02 46.16 -6.11
N CYS A 420 -11.39 44.87 -6.03
CA CYS A 420 -10.47 43.87 -5.49
C CYS A 420 -9.22 43.74 -6.36
N VAL A 421 -9.40 43.79 -7.68
CA VAL A 421 -8.25 43.73 -8.59
C VAL A 421 -7.33 44.92 -8.38
N ALA A 422 -7.92 46.12 -8.22
CA ALA A 422 -7.11 47.32 -8.00
C ALA A 422 -6.32 47.22 -6.71
N THR A 423 -6.95 46.75 -5.63
CA THR A 423 -6.25 46.56 -4.37
C THR A 423 -5.14 45.53 -4.51
N LEU A 424 -5.40 44.43 -5.22
CA LEU A 424 -4.37 43.42 -5.44
C LEU A 424 -3.22 43.98 -6.26
N GLY A 425 -3.53 44.76 -7.29
CA GLY A 425 -2.47 45.33 -8.12
C GLY A 425 -1.58 46.29 -7.37
N ILE A 426 -2.18 47.13 -6.52
CA ILE A 426 -1.40 48.06 -5.71
C ILE A 426 -0.52 47.29 -4.73
N ALA A 427 -1.08 46.26 -4.08
CA ALA A 427 -0.31 45.47 -3.13
C ALA A 427 0.87 44.78 -3.81
N VAL A 428 0.65 44.24 -5.01
CA VAL A 428 1.75 43.66 -5.78
C VAL A 428 2.77 44.73 -6.13
N LEU A 429 2.31 45.91 -6.56
CA LEU A 429 3.22 47.01 -6.88
C LEU A 429 3.99 47.45 -5.65
N ILE A 430 3.33 47.53 -4.50
CA ILE A 430 4.02 47.87 -3.26
C ILE A 430 5.06 46.82 -2.90
N ARG A 431 4.72 45.55 -3.10
CA ARG A 431 5.67 44.47 -2.81
C ARG A 431 6.93 44.59 -3.66
N ILE A 432 6.80 44.96 -4.93
CA ILE A 432 7.96 45.13 -5.79
C ILE A 432 8.85 46.26 -5.27
N LEU A 433 8.24 47.39 -4.90
CA LEU A 433 9.02 48.55 -4.47
C LEU A 433 9.76 48.27 -3.17
N VAL A 434 9.10 47.65 -2.19
CA VAL A 434 9.73 47.43 -0.90
C VAL A 434 10.83 46.38 -1.01
N THR A 435 10.61 45.33 -1.82
CA THR A 435 11.65 44.33 -2.02
C THR A 435 12.85 44.91 -2.73
N TYR A 436 12.62 45.80 -3.70
CA TYR A 436 13.73 46.46 -4.39
C TYR A 436 14.52 47.33 -3.43
N LEU A 437 13.84 48.00 -2.50
CA LEU A 437 14.52 48.87 -1.55
C LEU A 437 15.43 48.08 -0.62
N MET A 438 14.98 46.91 -0.17
CA MET A 438 15.72 46.14 0.81
C MET A 438 16.95 45.43 0.23
N VAL A 439 17.13 45.43 -1.08
CA VAL A 439 18.23 44.71 -1.70
C VAL A 439 19.21 45.69 -2.33
N CYS A 440 19.27 46.91 -1.80
CA CYS A 440 20.18 47.93 -2.30
C CYS A 440 21.42 48.10 -1.43
N PHE A 441 21.68 47.16 -0.53
CA PHE A 441 22.81 47.31 0.38
C PHE A 441 24.13 46.97 -0.30
N ALA A 442 24.27 45.73 -0.75
CA ALA A 442 25.52 45.30 -1.38
C ALA A 442 25.25 44.05 -2.22
N GLY A 443 26.19 43.75 -3.11
CA GLY A 443 26.11 42.56 -3.94
C GLY A 443 25.18 42.71 -5.12
N PHE A 444 23.91 42.99 -4.85
CA PHE A 444 22.90 43.13 -5.91
C PHE A 444 23.11 44.48 -6.59
N ASN A 445 23.80 44.46 -7.74
CA ASN A 445 24.15 45.71 -8.40
C ASN A 445 23.00 46.24 -9.26
N ILE A 446 22.59 45.49 -10.28
CA ILE A 446 21.51 45.91 -11.16
C ILE A 446 20.50 44.78 -11.35
N LYS A 447 20.96 43.65 -11.89
CA LYS A 447 20.06 42.59 -12.29
C LYS A 447 19.54 41.79 -11.11
N GLU A 448 20.34 41.66 -10.05
CA GLU A 448 19.93 40.85 -8.91
C GLU A 448 18.73 41.47 -8.19
N LYS A 449 18.64 42.80 -8.16
CA LYS A 449 17.51 43.47 -7.53
C LYS A 449 16.20 43.11 -8.23
N ILE A 450 16.22 43.09 -9.57
CA ILE A 450 15.01 42.79 -10.32
C ILE A 450 14.55 41.36 -10.08
N PHE A 451 15.51 40.43 -10.07
CA PHE A 451 15.16 39.02 -9.89
C PHE A 451 14.54 38.76 -8.53
N ILE A 452 15.10 39.36 -7.48
CA ILE A 452 14.58 39.16 -6.13
C ILE A 452 13.16 39.71 -6.01
N SER A 453 12.91 40.89 -6.57
CA SER A 453 11.60 41.51 -6.46
C SER A 453 10.53 40.65 -7.14
N PHE A 454 10.85 40.12 -8.33
CA PHE A 454 9.90 39.26 -9.03
C PHE A 454 9.82 37.86 -8.44
N ALA A 455 10.71 37.51 -7.52
CA ALA A 455 10.71 36.18 -6.90
C ALA A 455 9.75 36.07 -5.73
N TRP A 456 9.18 37.18 -5.26
CA TRP A 456 8.23 37.19 -4.17
C TRP A 456 6.79 37.31 -4.62
N LEU A 457 6.55 37.27 -5.95
CA LEU A 457 5.18 37.43 -6.45
C LEU A 457 4.33 36.17 -6.26
N PRO A 458 4.78 34.98 -6.67
CA PRO A 458 3.89 33.80 -6.57
C PRO A 458 3.49 33.50 -5.14
N LYS A 459 2.26 33.00 -4.99
CA LYS A 459 1.70 32.63 -3.71
C LYS A 459 1.29 31.16 -3.74
N ALA A 460 0.96 30.62 -2.57
CA ALA A 460 0.75 29.18 -2.44
C ALA A 460 -0.30 28.93 -1.36
N THR A 461 -0.34 27.70 -0.85
CA THR A 461 -1.43 27.24 0.00
C THR A 461 -1.50 28.00 1.33
N VAL A 462 -0.45 28.76 1.66
CA VAL A 462 -0.43 29.47 2.94
C VAL A 462 -1.64 30.38 3.08
N GLN A 463 -2.00 31.08 2.02
CA GLN A 463 -3.18 31.95 2.06
C GLN A 463 -4.47 31.14 2.14
N ALA A 464 -4.51 30.01 1.42
CA ALA A 464 -5.71 29.19 1.42
C ALA A 464 -5.99 28.59 2.80
N ALA A 465 -4.94 28.16 3.49
CA ALA A 465 -5.14 27.55 4.80
C ALA A 465 -5.69 28.54 5.81
N ILE A 466 -5.07 29.73 5.91
CA ILE A 466 -5.54 30.73 6.85
C ILE A 466 -6.89 31.29 6.42
N GLY A 467 -7.12 31.41 5.10
CA GLY A 467 -8.41 31.88 4.63
C GLY A 467 -9.55 30.95 4.99
N SER A 468 -9.31 29.64 4.91
CA SER A 468 -10.34 28.67 5.30
C SER A 468 -10.63 28.77 6.80
N VAL A 469 -9.59 28.98 7.61
CA VAL A 469 -9.79 29.12 9.05
C VAL A 469 -10.64 30.34 9.35
N ALA A 470 -10.38 31.45 8.66
CA ALA A 470 -11.18 32.66 8.87
C ALA A 470 -12.65 32.42 8.52
N LEU A 471 -12.90 31.69 7.43
CA LEU A 471 -14.28 31.35 7.08
C LEU A 471 -14.93 30.49 8.14
N ASP A 472 -14.20 29.50 8.66
CA ASP A 472 -14.77 28.62 9.68
C ASP A 472 -15.08 29.39 10.97
N THR A 473 -14.17 30.27 11.38
CA THR A 473 -14.42 31.07 12.58
C THR A 473 -15.58 32.03 12.36
N ALA A 474 -15.68 32.60 11.15
CA ALA A 474 -16.77 33.52 10.85
C ALA A 474 -18.13 32.81 10.90
N ARG A 475 -18.20 31.59 10.38
CA ARG A 475 -19.45 30.85 10.32
C ARG A 475 -19.68 30.01 11.58
N SER A 476 -19.51 30.63 12.74
CA SER A 476 -19.86 29.97 14.00
C SER A 476 -20.75 30.83 14.87
N HIS A 477 -20.47 32.13 14.99
CA HIS A 477 -21.34 33.03 15.75
C HIS A 477 -21.51 34.38 15.06
N GLY A 478 -21.23 34.44 13.76
CA GLY A 478 -21.26 35.70 13.03
C GLY A 478 -22.60 35.94 12.35
N GLU A 479 -22.92 37.22 12.17
CA GLU A 479 -24.17 37.62 11.53
C GLU A 479 -23.93 37.85 10.04
N LYS A 480 -24.90 38.50 9.37
CA LYS A 480 -24.84 38.65 7.93
C LYS A 480 -23.65 39.50 7.49
N GLN A 481 -23.39 40.60 8.19
CA GLN A 481 -22.29 41.48 7.80
C GLN A 481 -20.95 40.78 7.90
N LEU A 482 -20.74 40.01 8.98
CA LEU A 482 -19.50 39.24 9.11
C LEU A 482 -19.40 38.18 8.02
N GLU A 483 -20.52 37.54 7.69
CA GLU A 483 -20.51 36.55 6.61
C GLU A 483 -20.15 37.19 5.28
N GLY A 484 -20.70 38.37 4.99
CA GLY A 484 -20.37 39.04 3.75
C GLY A 484 -18.91 39.45 3.68
N TYR A 485 -18.37 39.94 4.80
CA TYR A 485 -16.96 40.33 4.83
C TYR A 485 -16.05 39.13 4.63
N GLY A 486 -16.39 37.99 5.25
CA GLY A 486 -15.57 36.80 5.08
C GLY A 486 -15.55 36.30 3.65
N MET A 487 -16.70 36.40 2.96
CA MET A 487 -16.75 35.99 1.57
C MET A 487 -15.86 36.88 0.70
N ASP A 488 -15.85 38.19 0.97
CA ASP A 488 -15.02 39.11 0.20
C ASP A 488 -13.54 38.80 0.38
N VAL A 489 -13.13 38.44 1.60
CA VAL A 489 -11.74 38.10 1.86
C VAL A 489 -11.34 36.87 1.06
N LEU A 490 -12.24 35.87 0.99
CA LEU A 490 -11.94 34.67 0.21
C LEU A 490 -11.81 34.99 -1.27
N THR A 491 -12.68 35.85 -1.80
CA THR A 491 -12.67 36.13 -3.23
C THR A 491 -11.34 36.77 -3.67
N VAL A 492 -10.86 37.75 -2.92
CA VAL A 492 -9.60 38.38 -3.26
C VAL A 492 -8.43 37.42 -3.03
N ALA A 493 -8.50 36.62 -1.96
CA ALA A 493 -7.44 35.65 -1.70
C ALA A 493 -7.39 34.58 -2.80
N PHE A 494 -8.54 34.08 -3.22
CA PHE A 494 -8.57 33.11 -4.32
C PHE A 494 -8.12 33.76 -5.62
N LEU A 495 -8.54 34.99 -5.87
CA LEU A 495 -8.13 35.69 -7.09
C LEU A 495 -6.62 35.90 -7.12
N SER A 496 -6.03 36.25 -5.98
CA SER A 496 -4.58 36.46 -5.92
C SER A 496 -3.82 35.18 -6.27
N ILE A 497 -4.27 34.04 -5.74
CA ILE A 497 -3.59 32.77 -6.03
C ILE A 497 -3.72 32.41 -7.50
N ILE A 498 -4.88 32.68 -8.10
CA ILE A 498 -5.09 32.35 -9.51
C ILE A 498 -4.19 33.21 -10.40
N ILE A 499 -3.96 34.46 -10.01
CA ILE A 499 -3.24 35.40 -10.87
C ILE A 499 -1.74 35.30 -10.68
N THR A 500 -1.26 35.60 -9.47
CA THR A 500 0.18 35.80 -9.26
C THR A 500 0.97 34.50 -9.26
N ALA A 501 0.32 33.35 -9.01
CA ALA A 501 1.09 32.11 -8.93
C ALA A 501 1.56 31.62 -10.30
N PRO A 502 0.69 31.42 -11.29
CA PRO A 502 1.22 30.95 -12.59
C PRO A 502 1.95 32.03 -13.37
N VAL A 503 1.47 33.27 -13.32
CA VAL A 503 2.14 34.36 -14.02
C VAL A 503 3.52 34.61 -13.41
N GLY A 504 3.59 34.61 -12.07
CA GLY A 504 4.87 34.81 -11.41
C GLY A 504 5.85 33.68 -11.69
N SER A 505 5.36 32.44 -11.66
CA SER A 505 6.22 31.30 -11.97
C SER A 505 6.69 31.34 -13.43
N LEU A 506 5.78 31.71 -14.34
CA LEU A 506 6.17 31.84 -15.74
C LEU A 506 7.17 32.98 -15.93
N LEU A 507 6.96 34.10 -15.24
CA LEU A 507 7.83 35.26 -15.43
C LEU A 507 9.25 34.95 -14.96
N ILE A 508 9.39 34.31 -13.80
CA ILE A 508 10.71 34.01 -13.27
C ILE A 508 11.40 32.94 -14.11
N GLY A 509 10.61 32.02 -14.68
CA GLY A 509 11.20 30.97 -15.49
C GLY A 509 11.87 31.49 -16.75
N LEU A 510 11.19 32.40 -17.45
CA LEU A 510 11.77 32.96 -18.68
C LEU A 510 12.85 33.99 -18.38
N LEU A 511 12.73 34.71 -17.25
CA LEU A 511 13.70 35.73 -16.89
C LEU A 511 14.97 35.16 -16.28
N GLY A 512 14.96 33.89 -15.89
CA GLY A 512 16.13 33.25 -15.32
C GLY A 512 17.33 33.28 -16.24
N PRO A 513 17.22 32.62 -17.40
CA PRO A 513 18.31 32.64 -18.39
C PRO A 513 18.45 33.95 -19.14
N ARG A 514 17.72 35.01 -18.76
CA ARG A 514 17.76 36.27 -19.46
C ARG A 514 18.13 37.46 -18.58
N LEU A 515 18.28 37.28 -17.28
CA LEU A 515 18.60 38.37 -16.37
C LEU A 515 19.92 38.18 -15.64
N LEU A 516 20.17 37.01 -15.06
CA LEU A 516 21.39 36.74 -14.32
C LEU A 516 22.34 35.83 -15.10
N GLN A 517 22.35 35.95 -16.42
CA GLN A 517 23.24 35.15 -17.26
C GLN A 517 24.69 35.57 -17.08
N PRO B 78 32.85 7.91 17.64
CA PRO B 78 32.62 7.07 16.45
C PRO B 78 31.38 6.18 16.58
N PRO B 79 30.47 6.28 15.61
CA PRO B 79 29.27 5.44 15.65
C PRO B 79 29.61 3.96 15.63
N ARG B 80 28.83 3.17 16.36
CA ARG B 80 28.99 1.74 16.42
C ARG B 80 27.90 1.08 15.59
N GLY B 81 28.31 0.20 14.67
CA GLY B 81 27.34 -0.43 13.78
C GLY B 81 26.35 -1.31 14.51
N LEU B 82 26.79 -1.98 15.58
CA LEU B 82 25.88 -2.82 16.35
C LEU B 82 24.80 -2.00 17.03
N LEU B 83 25.15 -0.82 17.55
CA LEU B 83 24.21 0.04 18.25
C LEU B 83 23.53 1.05 17.33
N ALA B 84 23.82 1.01 16.04
CA ALA B 84 23.18 1.89 15.06
C ALA B 84 22.18 1.17 14.19
N ARG B 85 22.42 -0.10 13.87
CA ARG B 85 21.47 -0.86 13.07
C ARG B 85 20.14 -1.04 13.81
N VAL B 86 20.22 -1.35 15.11
CA VAL B 86 18.99 -1.55 15.89
C VAL B 86 18.22 -0.25 16.03
N ILE B 87 18.92 0.86 16.32
CA ILE B 87 18.25 2.13 16.50
C ILE B 87 17.58 2.57 15.20
N THR B 88 18.28 2.44 14.08
CA THR B 88 17.70 2.80 12.79
C THR B 88 16.48 1.94 12.47
N ASN B 89 16.57 0.64 12.71
CA ASN B 89 15.44 -0.25 12.44
C ASN B 89 14.26 0.06 13.34
N VAL B 90 14.52 0.32 14.63
CA VAL B 90 13.44 0.63 15.57
C VAL B 90 12.73 1.92 15.15
N THR B 91 13.50 2.95 14.79
CA THR B 91 12.89 4.20 14.34
C THR B 91 12.09 3.99 13.06
N MET B 92 12.61 3.17 12.14
CA MET B 92 11.90 2.90 10.90
C MET B 92 10.59 2.16 11.17
N VAL B 93 10.61 1.20 12.10
CA VAL B 93 9.41 0.42 12.39
C VAL B 93 8.31 1.28 12.98
N ILE B 94 8.65 2.09 13.99
CA ILE B 94 7.65 2.93 14.63
C ILE B 94 7.16 4.00 13.66
N LEU B 95 8.04 4.51 12.80
CA LEU B 95 7.62 5.48 11.80
C LEU B 95 6.61 4.87 10.83
N LEU B 96 6.89 3.65 10.35
CA LEU B 96 5.95 2.97 9.48
C LEU B 96 4.69 2.58 10.24
N TRP B 97 4.82 2.24 11.53
CA TRP B 97 3.67 1.89 12.34
C TRP B 97 2.71 3.07 12.47
N ALA B 98 3.26 4.27 12.67
CA ALA B 98 2.41 5.45 12.84
C ALA B 98 1.66 5.79 11.56
N VAL B 99 2.30 5.60 10.41
CA VAL B 99 1.66 5.95 9.13
C VAL B 99 0.42 5.09 8.91
N VAL B 100 0.55 3.79 9.14
CA VAL B 100 -0.62 2.91 9.00
C VAL B 100 -1.63 3.20 10.09
N TRP B 101 -1.17 3.56 11.29
CA TRP B 101 -2.08 3.89 12.37
C TRP B 101 -2.94 5.10 12.05
N SER B 102 -2.39 6.08 11.33
CA SER B 102 -3.15 7.27 10.97
C SER B 102 -4.30 6.93 10.04
N VAL B 103 -4.08 6.02 9.09
CA VAL B 103 -5.11 5.69 8.10
C VAL B 103 -6.05 4.58 8.57
N THR B 104 -5.67 3.80 9.60
CA THR B 104 -6.51 2.71 10.08
C THR B 104 -7.05 3.02 11.47
N GLY B 105 -6.21 3.32 12.45
CA GLY B 105 -6.67 3.63 13.78
C GLY B 105 -6.48 2.50 14.77
N SER B 106 -7.59 1.84 15.16
CA SER B 106 -7.53 0.77 16.14
C SER B 106 -6.92 -0.51 15.57
N GLU B 107 -6.78 -0.63 14.25
CA GLU B 107 -6.17 -1.82 13.67
C GLU B 107 -4.71 -1.95 14.09
N CYS B 108 -3.97 -0.83 14.07
CA CYS B 108 -2.57 -0.84 14.49
C CYS B 108 -2.40 -0.92 16.00
N LEU B 109 -3.47 -0.72 16.77
CA LEU B 109 -3.46 -0.89 18.21
C LEU B 109 -3.19 -2.36 18.50
N PRO B 110 -2.56 -2.71 19.63
CA PRO B 110 -2.30 -4.11 19.94
C PRO B 110 -3.53 -5.01 19.83
N GLY B 111 -4.73 -4.47 20.00
CA GLY B 111 -5.94 -5.23 19.72
C GLY B 111 -6.55 -4.83 18.38
N GLY B 112 -6.36 -5.66 17.36
CA GLY B 112 -6.87 -5.34 16.04
C GLY B 112 -6.53 -6.44 15.06
N ASN B 113 -7.04 -6.25 13.84
CA ASN B 113 -6.83 -7.25 12.79
C ASN B 113 -5.47 -7.08 12.13
N LEU B 114 -5.15 -5.87 11.68
CA LEU B 114 -3.89 -5.65 10.98
C LEU B 114 -2.70 -5.91 11.89
N PHE B 115 -2.79 -5.51 13.15
CA PHE B 115 -1.73 -5.80 14.10
C PHE B 115 -1.56 -7.31 14.29
N GLY B 116 -2.67 -8.05 14.35
CA GLY B 116 -2.58 -9.48 14.53
C GLY B 116 -1.96 -10.18 13.32
N ILE B 117 -2.30 -9.73 12.12
CA ILE B 117 -1.75 -10.35 10.91
C ILE B 117 -0.23 -10.19 10.87
N ILE B 118 0.26 -8.98 11.17
CA ILE B 118 1.69 -8.74 11.15
C ILE B 118 2.39 -9.55 12.24
N MET B 119 1.82 -9.56 13.45
CA MET B 119 2.42 -10.34 14.53
C MET B 119 2.39 -11.83 14.24
N LEU B 120 1.27 -12.32 13.70
CA LEU B 120 1.21 -13.73 13.31
C LEU B 120 2.22 -14.04 12.21
N PHE B 121 2.41 -13.10 11.27
CA PHE B 121 3.41 -13.29 10.23
C PHE B 121 4.80 -13.38 10.84
N TYR B 122 5.12 -12.50 11.79
CA TYR B 122 6.42 -12.55 12.46
C TYR B 122 6.56 -13.80 13.31
N CYS B 123 5.49 -14.18 14.02
CA CYS B 123 5.54 -15.38 14.85
C CYS B 123 5.76 -16.63 14.00
N ALA B 124 5.09 -16.71 12.84
CA ALA B 124 5.32 -17.82 11.95
C ALA B 124 6.72 -17.80 11.36
N ILE B 125 7.25 -16.61 11.08
CA ILE B 125 8.60 -16.49 10.52
C ILE B 125 9.63 -16.98 11.52
N ILE B 126 9.55 -16.48 12.77
CA ILE B 126 10.51 -16.89 13.78
C ILE B 126 10.35 -18.35 14.14
N GLY B 127 9.10 -18.85 14.12
CA GLY B 127 8.88 -20.26 14.40
C GLY B 127 9.53 -21.16 13.38
N GLY B 128 9.44 -20.80 12.10
CA GLY B 128 10.09 -21.59 11.06
C GLY B 128 11.60 -21.55 11.16
N LYS B 129 12.16 -20.37 11.48
CA LYS B 129 13.60 -20.24 11.61
C LYS B 129 14.13 -21.07 12.78
N LEU B 130 13.43 -21.03 13.92
CA LEU B 130 13.86 -21.83 15.07
C LEU B 130 13.81 -23.32 14.77
N PHE B 131 12.75 -23.77 14.09
CA PHE B 131 12.61 -25.17 13.71
C PHE B 131 13.34 -25.41 12.40
N GLY B 132 14.64 -25.66 12.51
CA GLY B 132 15.46 -25.90 11.34
C GLY B 132 16.86 -25.32 11.44
N LEU B 133 17.04 -24.35 12.35
CA LEU B 133 18.35 -23.73 12.55
C LEU B 133 18.87 -23.82 13.98
N ILE B 134 18.02 -24.13 14.96
CA ILE B 134 18.42 -24.20 16.35
C ILE B 134 18.40 -25.63 16.86
N LYS B 135 17.24 -26.29 16.82
CA LYS B 135 17.07 -27.65 17.31
C LYS B 135 16.77 -28.63 16.18
N LEU B 136 17.39 -28.41 15.02
CA LEU B 136 17.20 -29.30 13.90
C LEU B 136 17.88 -30.65 14.16
N PRO B 137 17.29 -31.75 13.73
CA PRO B 137 17.95 -33.05 13.87
C PRO B 137 19.20 -33.14 13.02
N THR B 138 20.09 -34.06 13.41
CA THR B 138 21.39 -34.20 12.74
C THR B 138 21.23 -34.57 11.27
N LEU B 139 20.66 -35.75 10.99
CA LEU B 139 20.53 -36.20 9.62
C LEU B 139 19.35 -35.54 8.91
N PRO B 140 18.12 -35.61 9.43
CA PRO B 140 17.00 -34.99 8.71
C PRO B 140 16.85 -33.52 9.10
N PRO B 141 16.85 -32.62 8.11
CA PRO B 141 16.59 -31.21 8.42
C PRO B 141 15.18 -31.02 8.94
N LEU B 142 15.03 -30.07 9.88
CA LEU B 142 13.74 -29.84 10.50
C LEU B 142 12.89 -28.96 9.60
N PRO B 143 11.74 -29.43 9.13
CA PRO B 143 10.92 -28.60 8.25
C PRO B 143 10.31 -27.44 9.01
N PRO B 144 10.09 -26.30 8.35
CA PRO B 144 9.42 -25.18 9.02
C PRO B 144 7.93 -25.34 9.19
N LEU B 145 7.32 -26.35 8.55
CA LEU B 145 5.88 -26.52 8.65
C LEU B 145 5.45 -26.82 10.08
N LEU B 146 6.23 -27.65 10.80
CA LEU B 146 5.90 -27.96 12.18
C LEU B 146 5.95 -26.72 13.06
N GLY B 147 6.94 -25.86 12.85
CA GLY B 147 7.04 -24.64 13.63
C GLY B 147 5.89 -23.69 13.38
N MET B 148 5.46 -23.58 12.13
CA MET B 148 4.35 -22.67 11.80
C MET B 148 3.07 -23.10 12.50
N LEU B 149 2.76 -24.40 12.48
CA LEU B 149 1.57 -24.89 13.15
C LEU B 149 1.66 -24.72 14.66
N LEU B 150 2.84 -25.00 15.24
CA LEU B 150 3.03 -24.81 16.66
C LEU B 150 2.93 -23.34 17.05
N ALA B 151 3.47 -22.45 16.22
CA ALA B 151 3.38 -21.02 16.50
C ALA B 151 1.92 -20.55 16.53
N GLY B 152 1.13 -21.01 15.55
CA GLY B 152 -0.28 -20.66 15.56
C GLY B 152 -1.04 -21.27 16.73
N PHE B 153 -0.66 -22.50 17.10
CA PHE B 153 -1.33 -23.16 18.23
C PHE B 153 -1.09 -22.40 19.53
N LEU B 154 0.15 -21.94 19.76
CA LEU B 154 0.45 -21.22 20.98
C LEU B 154 -0.27 -19.87 21.04
N ILE B 155 -0.41 -19.20 19.89
CA ILE B 155 -1.04 -17.89 19.87
C ILE B 155 -2.51 -17.99 20.26
N ARG B 156 -3.22 -18.95 19.68
CA ARG B 156 -4.67 -19.02 19.88
C ARG B 156 -5.03 -19.63 21.23
N ASN B 157 -4.23 -20.58 21.73
CA ASN B 157 -4.56 -21.36 22.91
C ASN B 157 -4.11 -20.69 24.21
N VAL B 158 -3.91 -19.37 24.19
CA VAL B 158 -3.58 -18.59 25.38
C VAL B 158 -4.53 -17.40 25.45
N PRO B 159 -5.41 -17.32 26.45
CA PRO B 159 -6.42 -16.24 26.46
C PRO B 159 -5.84 -14.84 26.44
N VAL B 160 -4.75 -14.60 27.18
CA VAL B 160 -4.17 -13.26 27.20
C VAL B 160 -3.48 -12.96 25.87
N ILE B 161 -2.79 -13.94 25.31
CA ILE B 161 -2.12 -13.74 24.02
C ILE B 161 -3.14 -13.59 22.90
N SER B 162 -4.14 -14.47 22.87
CA SER B 162 -5.14 -14.43 21.82
C SER B 162 -6.05 -13.21 21.93
N ASP B 163 -6.06 -12.54 23.08
CA ASP B 163 -6.90 -11.35 23.24
C ASP B 163 -6.45 -10.23 22.31
N ASN B 164 -5.15 -10.01 22.20
CA ASN B 164 -4.64 -8.91 21.39
C ASN B 164 -4.74 -9.21 19.90
N ILE B 165 -4.42 -10.43 19.49
CA ILE B 165 -4.40 -10.80 18.07
C ILE B 165 -5.72 -11.52 17.78
N GLN B 166 -6.57 -10.87 16.98
CA GLN B 166 -7.83 -11.46 16.54
C GLN B 166 -8.01 -11.18 15.05
N ILE B 167 -8.51 -12.19 14.34
CA ILE B 167 -8.70 -12.11 12.89
C ILE B 167 -10.14 -12.49 12.58
N LYS B 168 -10.81 -11.69 11.76
CA LYS B 168 -12.17 -11.99 11.37
C LYS B 168 -12.22 -13.22 10.47
N HIS B 169 -13.38 -13.88 10.46
CA HIS B 169 -13.53 -15.11 9.68
C HIS B 169 -13.41 -14.83 8.19
N LYS B 170 -13.95 -13.71 7.72
CA LYS B 170 -13.88 -13.39 6.29
C LYS B 170 -12.43 -13.19 5.85
N TRP B 171 -11.63 -12.49 6.66
CA TRP B 171 -10.22 -12.29 6.31
C TRP B 171 -9.46 -13.61 6.32
N SER B 172 -9.76 -14.48 7.28
CA SER B 172 -9.11 -15.80 7.33
C SER B 172 -9.48 -16.62 6.10
N SER B 173 -10.75 -16.60 5.71
CA SER B 173 -11.17 -17.34 4.52
C SER B 173 -10.58 -16.73 3.25
N ALA B 174 -10.55 -15.40 3.18
CA ALA B 174 -10.00 -14.73 2.00
C ALA B 174 -8.51 -15.00 1.85
N LEU B 175 -7.76 -14.95 2.95
CA LEU B 175 -6.33 -15.23 2.89
C LEU B 175 -6.06 -16.68 2.54
N ARG B 176 -6.90 -17.59 3.03
CA ARG B 176 -6.76 -19.01 2.65
C ARG B 176 -6.98 -19.19 1.15
N SER B 177 -7.99 -18.52 0.59
CA SER B 177 -8.26 -18.64 -0.83
C SER B 177 -7.12 -18.07 -1.66
N ILE B 178 -6.57 -16.92 -1.23
CA ILE B 178 -5.47 -16.30 -1.99
C ILE B 178 -4.23 -17.18 -1.96
N ALA B 179 -3.86 -17.66 -0.77
CA ALA B 179 -2.67 -18.49 -0.64
C ALA B 179 -2.84 -19.80 -1.41
N LEU B 180 -4.02 -20.39 -1.37
CA LEU B 180 -4.28 -21.61 -2.14
C LEU B 180 -4.18 -21.34 -3.63
N SER B 181 -4.62 -20.17 -4.08
CA SER B 181 -4.51 -19.83 -5.49
C SER B 181 -3.05 -19.65 -5.90
N VAL B 182 -2.21 -19.12 -5.00
CA VAL B 182 -0.81 -18.89 -5.33
C VAL B 182 -0.10 -20.21 -5.58
N ILE B 183 -0.32 -21.20 -4.72
CA ILE B 183 0.36 -22.48 -4.88
C ILE B 183 -0.15 -23.23 -6.11
N LEU B 184 -1.43 -23.03 -6.46
CA LEU B 184 -1.98 -23.73 -7.61
C LEU B 184 -1.45 -23.17 -8.92
N VAL B 185 -1.39 -21.84 -9.05
CA VAL B 185 -0.91 -21.24 -10.29
C VAL B 185 0.58 -21.52 -10.48
N ARG B 186 1.35 -21.56 -9.39
CA ARG B 186 2.77 -21.88 -9.51
C ARG B 186 2.97 -23.32 -9.98
N ALA B 187 2.14 -24.24 -9.50
CA ALA B 187 2.22 -25.63 -9.95
C ALA B 187 1.90 -25.74 -11.43
N GLY B 188 0.84 -25.07 -11.88
CA GLY B 188 0.48 -25.12 -13.29
C GLY B 188 1.54 -24.48 -14.18
N LEU B 189 2.11 -23.37 -13.73
CA LEU B 189 3.17 -22.71 -14.49
C LEU B 189 4.41 -23.59 -14.60
N GLY B 190 4.78 -24.25 -13.50
CA GLY B 190 5.94 -25.13 -13.50
C GLY B 190 5.71 -26.52 -14.03
N LEU B 191 4.47 -26.86 -14.37
CA LEU B 191 4.19 -28.18 -14.92
C LEU B 191 4.78 -28.31 -16.32
N ASP B 192 5.30 -29.50 -16.63
CA ASP B 192 5.95 -29.76 -17.90
C ASP B 192 4.94 -30.26 -18.92
N SER B 193 4.99 -29.69 -20.12
CA SER B 193 4.05 -30.05 -21.17
C SER B 193 4.33 -31.48 -21.68
N ASN B 194 3.36 -32.03 -22.40
CA ASN B 194 3.42 -33.34 -23.02
C ASN B 194 3.42 -34.46 -21.98
N ALA B 195 3.40 -34.11 -20.70
CA ALA B 195 3.31 -35.13 -19.66
C ALA B 195 1.94 -35.77 -19.62
N LEU B 196 0.88 -34.98 -19.85
CA LEU B 196 -0.47 -35.52 -19.86
C LEU B 196 -0.67 -36.52 -21.00
N LYS B 197 -0.14 -36.20 -22.18
CA LYS B 197 -0.33 -37.09 -23.33
C LYS B 197 0.36 -38.43 -23.12
N LYS B 198 1.56 -38.43 -22.54
CA LYS B 198 2.29 -39.67 -22.35
C LYS B 198 1.56 -40.61 -21.38
N LEU B 199 1.05 -40.06 -20.28
CA LEU B 199 0.37 -40.88 -19.27
C LEU B 199 -0.70 -40.02 -18.60
N LYS B 200 -1.95 -40.17 -19.03
CA LYS B 200 -3.06 -39.47 -18.43
C LYS B 200 -3.96 -40.37 -17.59
N GLY B 201 -3.98 -41.68 -17.88
CA GLY B 201 -4.82 -42.58 -17.12
C GLY B 201 -4.40 -42.70 -15.66
N VAL B 202 -3.08 -42.76 -15.42
CA VAL B 202 -2.59 -42.87 -14.06
C VAL B 202 -2.96 -41.64 -13.24
N CYS B 203 -2.90 -40.45 -13.86
CA CYS B 203 -3.26 -39.23 -13.16
C CYS B 203 -4.73 -39.23 -12.77
N VAL B 204 -5.60 -39.66 -13.69
CA VAL B 204 -7.03 -39.68 -13.41
C VAL B 204 -7.36 -40.71 -12.33
N ARG B 205 -6.78 -41.91 -12.43
CA ARG B 205 -7.06 -42.94 -11.43
C ARG B 205 -6.54 -42.53 -10.06
N LEU B 206 -5.37 -41.90 -10.01
CA LEU B 206 -4.84 -41.44 -8.73
C LEU B 206 -5.66 -40.30 -8.16
N SER B 207 -6.32 -39.52 -9.02
CA SER B 207 -7.15 -38.41 -8.55
C SER B 207 -8.47 -38.90 -7.96
N LEU B 208 -9.01 -40.00 -8.48
CA LEU B 208 -10.34 -40.46 -8.09
C LEU B 208 -10.28 -41.70 -7.20
N GLY B 209 -9.33 -42.60 -7.47
CA GLY B 209 -9.26 -43.88 -6.81
C GLY B 209 -9.10 -43.81 -5.30
N PRO B 210 -7.92 -43.39 -4.84
CA PRO B 210 -7.68 -43.38 -3.39
C PRO B 210 -8.62 -42.47 -2.60
N CYS B 211 -9.09 -41.39 -3.20
CA CYS B 211 -9.99 -40.48 -2.50
C CYS B 211 -11.30 -41.18 -2.12
N LEU B 212 -11.88 -41.93 -3.04
CA LEU B 212 -13.14 -42.61 -2.76
C LEU B 212 -12.93 -43.82 -1.86
N ILE B 213 -11.86 -44.58 -2.10
CA ILE B 213 -11.62 -45.80 -1.31
C ILE B 213 -11.35 -45.45 0.14
N GLU B 214 -10.50 -44.44 0.37
CA GLU B 214 -10.16 -44.05 1.74
C GLU B 214 -11.39 -43.55 2.49
N ALA B 215 -12.24 -42.76 1.82
CA ALA B 215 -13.45 -42.25 2.46
C ALA B 215 -14.38 -43.39 2.86
N CYS B 216 -14.54 -44.39 1.97
CA CYS B 216 -15.40 -45.52 2.27
C CYS B 216 -14.83 -46.37 3.41
N THR B 217 -13.53 -46.66 3.37
CA THR B 217 -12.92 -47.47 4.42
C THR B 217 -12.96 -46.75 5.76
N SER B 218 -12.69 -45.44 5.76
CA SER B 218 -12.74 -44.68 7.01
C SER B 218 -14.15 -44.64 7.58
N ALA B 219 -15.15 -44.48 6.72
CA ALA B 219 -16.54 -44.46 7.18
C ALA B 219 -16.93 -45.80 7.78
N VAL B 220 -16.55 -46.90 7.13
CA VAL B 220 -16.85 -48.22 7.66
C VAL B 220 -16.13 -48.45 8.98
N LEU B 221 -14.84 -48.07 9.04
CA LEU B 221 -14.08 -48.19 10.28
C LEU B 221 -14.67 -47.33 11.38
N ALA B 222 -15.07 -46.11 11.05
CA ALA B 222 -15.72 -45.25 12.03
C ALA B 222 -17.06 -45.82 12.48
N TYR B 223 -17.82 -46.37 11.54
CA TYR B 223 -19.12 -46.95 11.89
C TYR B 223 -18.94 -48.14 12.82
N PHE B 224 -19.92 -48.34 13.70
CA PHE B 224 -19.93 -49.37 14.73
C PHE B 224 -18.81 -49.18 15.76
N LEU B 225 -18.16 -48.01 15.76
CA LEU B 225 -17.11 -47.70 16.72
C LEU B 225 -17.48 -46.50 17.60
N MET B 226 -18.01 -45.43 17.01
CA MET B 226 -18.39 -44.25 17.76
C MET B 226 -19.91 -44.12 17.96
N GLY B 227 -20.71 -44.81 17.16
CA GLY B 227 -22.15 -44.77 17.27
C GLY B 227 -22.84 -43.76 16.38
N LEU B 228 -22.09 -42.89 15.71
CA LEU B 228 -22.68 -41.90 14.83
C LEU B 228 -23.24 -42.58 13.57
N PRO B 229 -24.33 -42.04 13.00
CA PRO B 229 -24.94 -42.67 11.82
C PRO B 229 -24.08 -42.54 10.56
N TRP B 230 -24.59 -43.08 9.46
CA TRP B 230 -23.85 -43.00 8.19
C TRP B 230 -23.72 -41.58 7.69
N GLN B 231 -24.67 -40.71 8.04
CA GLN B 231 -24.61 -39.32 7.59
C GLN B 231 -23.35 -38.63 8.10
N TRP B 232 -23.02 -38.84 9.38
CA TRP B 232 -21.78 -38.30 9.92
C TRP B 232 -20.57 -39.11 9.48
N GLY B 233 -20.72 -40.42 9.34
CA GLY B 233 -19.60 -41.25 8.95
C GLY B 233 -19.12 -40.96 7.54
N PHE B 234 -20.05 -40.84 6.58
CA PHE B 234 -19.67 -40.53 5.21
C PHE B 234 -19.08 -39.12 5.12
N MET B 235 -19.64 -38.17 5.86
CA MET B 235 -19.12 -36.80 5.84
C MET B 235 -17.69 -36.76 6.38
N LEU B 236 -17.41 -37.51 7.44
CA LEU B 236 -16.06 -37.54 7.99
C LEU B 236 -15.07 -38.15 7.00
N GLY B 237 -15.50 -39.19 6.28
CA GLY B 237 -14.60 -39.84 5.33
C GLY B 237 -14.16 -38.91 4.21
N PHE B 238 -15.10 -38.12 3.68
CA PHE B 238 -14.74 -37.18 2.61
C PHE B 238 -13.78 -36.12 3.12
N VAL B 239 -14.01 -35.61 4.33
CA VAL B 239 -13.11 -34.61 4.90
C VAL B 239 -11.73 -35.20 5.15
N LEU B 240 -11.68 -36.41 5.71
CA LEU B 240 -10.40 -37.01 6.08
C LEU B 240 -9.53 -37.29 4.85
N GLY B 241 -10.13 -37.80 3.77
CA GLY B 241 -9.38 -38.09 2.57
C GLY B 241 -9.39 -36.96 1.56
N ALA B 242 -8.32 -36.17 1.54
CA ALA B 242 -8.21 -35.04 0.60
C ALA B 242 -6.74 -34.65 0.50
N VAL B 243 -6.11 -35.00 -0.62
CA VAL B 243 -4.73 -34.56 -0.84
C VAL B 243 -4.69 -33.06 -1.04
N SER B 244 -3.73 -32.40 -0.39
CA SER B 244 -3.68 -30.95 -0.35
C SER B 244 -2.55 -30.45 -1.25
N PRO B 245 -2.85 -29.62 -2.26
CA PRO B 245 -1.77 -29.09 -3.11
C PRO B 245 -0.76 -28.25 -2.35
N ALA B 246 -1.19 -27.54 -1.31
CA ALA B 246 -0.30 -26.58 -0.65
C ALA B 246 0.90 -27.27 -0.01
N VAL B 247 0.72 -28.50 0.47
CA VAL B 247 1.80 -29.18 1.19
C VAL B 247 2.65 -30.08 0.30
N VAL B 248 2.26 -30.28 -0.96
CA VAL B 248 2.99 -31.18 -1.85
C VAL B 248 3.70 -30.44 -2.97
N VAL B 249 3.10 -29.39 -3.53
CA VAL B 249 3.66 -28.66 -4.67
C VAL B 249 5.04 -28.10 -4.35
N PRO B 250 5.27 -27.44 -3.21
CA PRO B 250 6.64 -26.97 -2.92
C PRO B 250 7.66 -28.09 -2.89
N SER B 251 7.28 -29.27 -2.39
CA SER B 251 8.20 -30.41 -2.40
C SER B 251 8.54 -30.85 -3.82
N MET B 252 7.52 -30.90 -4.69
CA MET B 252 7.77 -31.37 -6.06
C MET B 252 8.61 -30.37 -6.85
N LEU B 253 8.28 -29.08 -6.76
CA LEU B 253 8.98 -28.07 -7.55
C LEU B 253 10.46 -27.98 -7.16
N LEU B 254 10.75 -27.99 -5.84
CA LEU B 254 12.14 -27.97 -5.40
C LEU B 254 12.87 -29.23 -5.86
N LEU B 255 12.21 -30.38 -5.77
CA LEU B 255 12.80 -31.62 -6.27
C LEU B 255 12.99 -31.57 -7.79
N GLN B 256 12.02 -30.99 -8.51
CA GLN B 256 12.08 -30.97 -9.96
C GLN B 256 13.17 -30.03 -10.46
N GLU B 257 13.41 -28.93 -9.76
CA GLU B 257 14.44 -27.98 -10.19
C GLU B 257 15.81 -28.63 -10.19
N GLY B 258 16.13 -29.39 -9.13
CA GLY B 258 17.38 -30.11 -9.07
C GLY B 258 17.36 -31.37 -9.92
N GLY B 259 16.49 -32.31 -9.55
CA GLY B 259 16.33 -33.53 -10.32
C GLY B 259 17.35 -34.60 -9.99
N TYR B 260 16.88 -35.83 -9.77
CA TYR B 260 17.74 -36.97 -9.53
C TYR B 260 17.52 -38.00 -10.63
N GLY B 261 18.59 -38.40 -11.30
CA GLY B 261 18.47 -39.30 -12.42
C GLY B 261 17.79 -38.64 -13.61
N VAL B 262 16.62 -39.15 -13.98
CA VAL B 262 15.81 -38.58 -15.05
C VAL B 262 14.37 -38.55 -14.57
N GLU B 263 13.81 -37.35 -14.44
CA GLU B 263 12.42 -37.18 -13.99
C GLU B 263 11.49 -37.43 -15.17
N LYS B 264 10.93 -38.63 -15.23
CA LYS B 264 10.05 -39.00 -16.34
C LYS B 264 8.62 -38.55 -16.05
N GLY B 265 8.43 -37.28 -15.73
CA GLY B 265 7.12 -36.75 -15.46
C GLY B 265 6.55 -37.08 -14.09
N ILE B 266 7.34 -37.72 -13.22
CA ILE B 266 6.84 -38.05 -11.89
C ILE B 266 6.44 -36.82 -11.09
N PRO B 267 7.25 -35.76 -10.99
CA PRO B 267 6.78 -34.56 -10.28
C PRO B 267 5.53 -33.96 -10.90
N THR B 268 5.41 -33.98 -12.23
CA THR B 268 4.22 -33.44 -12.88
C THR B 268 3.00 -34.29 -12.59
N LEU B 269 3.20 -35.61 -12.50
CA LEU B 269 2.07 -36.51 -12.24
C LEU B 269 1.43 -36.22 -10.88
N LEU B 270 2.26 -36.04 -9.86
CA LEU B 270 1.74 -35.81 -8.52
C LEU B 270 1.10 -34.43 -8.39
N MET B 271 1.71 -33.41 -9.02
CA MET B 271 1.17 -32.06 -8.94
C MET B 271 -0.20 -31.96 -9.60
N ALA B 272 -0.35 -32.58 -10.76
CA ALA B 272 -1.63 -32.49 -11.48
C ALA B 272 -2.70 -33.35 -10.82
N ALA B 273 -2.33 -34.54 -10.35
CA ALA B 273 -3.31 -35.44 -9.75
C ALA B 273 -3.94 -34.86 -8.49
N GLY B 274 -3.14 -34.19 -7.67
CA GLY B 274 -3.63 -33.66 -6.40
C GLY B 274 -4.35 -32.33 -6.52
N SER B 275 -5.03 -32.10 -7.64
CA SER B 275 -5.78 -30.87 -7.85
C SER B 275 -7.27 -31.15 -8.05
N PHE B 276 -7.62 -32.16 -8.85
CA PHE B 276 -9.03 -32.47 -9.06
C PHE B 276 -9.67 -33.07 -7.81
N ASP B 277 -8.84 -33.56 -6.88
CA ASP B 277 -9.32 -34.14 -5.63
C ASP B 277 -10.10 -33.12 -4.81
N ASP B 278 -9.66 -31.86 -4.85
CA ASP B 278 -10.30 -30.83 -4.05
C ASP B 278 -11.77 -30.64 -4.44
N ILE B 279 -12.05 -30.66 -5.75
CA ILE B 279 -13.42 -30.46 -6.21
C ILE B 279 -14.32 -31.60 -5.74
N LEU B 280 -13.85 -32.83 -5.87
CA LEU B 280 -14.66 -33.98 -5.48
C LEU B 280 -14.86 -34.02 -3.96
N ALA B 281 -13.84 -33.64 -3.20
CA ALA B 281 -13.93 -33.69 -1.75
C ALA B 281 -15.02 -32.75 -1.24
N ILE B 282 -15.04 -31.50 -1.72
CA ILE B 282 -16.05 -30.56 -1.26
C ILE B 282 -17.42 -30.92 -1.81
N THR B 283 -17.48 -31.42 -3.05
CA THR B 283 -18.77 -31.80 -3.63
C THR B 283 -19.41 -32.93 -2.85
N GLY B 284 -18.62 -33.95 -2.49
CA GLY B 284 -19.15 -35.01 -1.65
C GLY B 284 -19.50 -34.54 -0.26
N PHE B 285 -18.68 -33.64 0.31
CA PHE B 285 -18.97 -33.10 1.63
C PHE B 285 -20.26 -32.30 1.63
N ASN B 286 -20.46 -31.46 0.62
CA ASN B 286 -21.68 -30.67 0.55
C ASN B 286 -22.91 -31.55 0.34
N THR B 287 -22.80 -32.56 -0.52
CA THR B 287 -23.92 -33.47 -0.75
C THR B 287 -24.24 -34.26 0.50
N CYS B 288 -23.21 -34.76 1.19
CA CYS B 288 -23.44 -35.52 2.42
C CYS B 288 -24.00 -34.63 3.52
N LEU B 289 -23.54 -33.38 3.59
CA LEU B 289 -24.06 -32.45 4.59
C LEU B 289 -25.54 -32.19 4.37
N GLY B 290 -25.96 -32.08 3.11
CA GLY B 290 -27.37 -31.88 2.82
C GLY B 290 -28.22 -33.06 3.27
N MET B 291 -27.67 -34.28 3.17
CA MET B 291 -28.38 -35.46 3.65
C MET B 291 -28.61 -35.39 5.15
N ALA B 292 -27.60 -34.94 5.90
CA ALA B 292 -27.73 -34.79 7.35
C ALA B 292 -28.67 -33.66 7.74
N PHE B 293 -28.99 -32.76 6.81
CA PHE B 293 -29.91 -31.67 7.10
C PHE B 293 -31.34 -32.17 7.24
N PHE B 300 -29.03 -34.09 -7.18
CA PHE B 300 -29.11 -32.80 -6.51
C PHE B 300 -27.80 -32.02 -6.66
N ASN B 301 -26.97 -32.07 -5.63
CA ASN B 301 -25.68 -31.39 -5.65
C ASN B 301 -24.61 -32.14 -6.41
N VAL B 302 -24.83 -33.42 -6.74
CA VAL B 302 -23.85 -34.17 -7.52
C VAL B 302 -23.72 -33.58 -8.91
N LEU B 303 -24.85 -33.25 -9.55
CA LEU B 303 -24.80 -32.62 -10.86
C LEU B 303 -24.22 -31.21 -10.77
N LYS B 304 -24.45 -30.52 -9.65
CA LYS B 304 -23.89 -29.18 -9.48
C LYS B 304 -22.37 -29.21 -9.48
N GLY B 305 -21.78 -30.21 -8.83
CA GLY B 305 -20.33 -30.33 -8.83
C GLY B 305 -19.77 -30.60 -10.21
N VAL B 306 -20.49 -31.35 -11.03
CA VAL B 306 -20.06 -31.60 -12.40
C VAL B 306 -20.04 -30.29 -13.20
N LEU B 307 -21.05 -29.45 -13.01
CA LEU B 307 -21.09 -28.17 -13.71
C LEU B 307 -19.93 -27.27 -13.28
N GLU B 308 -19.51 -27.37 -12.02
CA GLU B 308 -18.37 -26.58 -11.56
C GLU B 308 -17.10 -26.97 -12.30
N VAL B 309 -16.89 -28.27 -12.54
CA VAL B 309 -15.73 -28.72 -13.30
C VAL B 309 -15.80 -28.18 -14.72
N ILE B 310 -16.98 -28.26 -15.34
CA ILE B 310 -17.14 -27.78 -16.71
C ILE B 310 -16.90 -26.28 -16.78
N ILE B 311 -17.47 -25.52 -15.84
CA ILE B 311 -17.30 -24.07 -15.83
C ILE B 311 -15.84 -23.72 -15.58
N GLY B 312 -15.19 -24.43 -14.66
CA GLY B 312 -13.80 -24.14 -14.35
C GLY B 312 -12.87 -24.30 -15.55
N VAL B 313 -13.09 -25.34 -16.35
CA VAL B 313 -12.30 -25.54 -17.56
C VAL B 313 -12.56 -24.42 -18.56
N VAL B 314 -13.84 -24.06 -18.75
CA VAL B 314 -14.18 -23.02 -19.71
C VAL B 314 -13.63 -21.67 -19.26
N THR B 315 -13.77 -21.34 -17.98
CA THR B 315 -13.25 -20.07 -17.48
C THR B 315 -11.73 -20.02 -17.59
N GLY B 316 -11.06 -21.11 -17.27
CA GLY B 316 -9.61 -21.15 -17.44
C GLY B 316 -9.19 -21.05 -18.89
N LEU B 317 -9.92 -21.72 -19.79
CA LEU B 317 -9.59 -21.67 -21.20
C LEU B 317 -9.76 -20.27 -21.77
N VAL B 318 -10.85 -19.58 -21.40
CA VAL B 318 -11.09 -18.24 -21.91
C VAL B 318 -10.00 -17.28 -21.44
N LEU B 319 -9.66 -17.34 -20.16
CA LEU B 319 -8.59 -16.48 -19.64
C LEU B 319 -7.22 -16.86 -20.19
N GLY B 320 -7.05 -18.11 -20.65
CA GLY B 320 -5.76 -18.51 -21.17
C GLY B 320 -5.39 -17.79 -22.45
N PHE B 321 -6.35 -17.62 -23.36
CA PHE B 321 -6.08 -16.96 -24.62
C PHE B 321 -5.81 -15.46 -24.47
N PHE B 322 -6.20 -14.88 -23.34
CA PHE B 322 -6.01 -13.45 -23.11
C PHE B 322 -4.72 -13.14 -22.37
N ILE B 323 -3.88 -14.14 -22.11
CA ILE B 323 -2.61 -13.94 -21.43
C ILE B 323 -1.47 -14.29 -22.38
N GLN B 324 -1.74 -15.20 -23.32
CA GLN B 324 -0.74 -15.58 -24.30
C GLN B 324 -0.78 -14.72 -25.56
N TYR B 325 -1.77 -13.84 -25.69
CA TYR B 325 -1.95 -13.04 -26.89
C TYR B 325 -1.75 -11.56 -26.69
N PHE B 326 -2.44 -10.95 -25.71
CA PHE B 326 -2.29 -9.50 -25.51
C PHE B 326 -0.88 -9.13 -25.07
N PRO B 327 -0.26 -9.79 -24.07
CA PRO B 327 1.14 -9.46 -23.75
C PRO B 327 2.10 -10.05 -24.77
N SER B 328 2.69 -9.19 -25.59
CA SER B 328 3.63 -9.60 -26.63
C SER B 328 5.02 -9.07 -26.32
N SER B 329 5.97 -9.34 -27.22
CA SER B 329 7.33 -8.87 -27.04
C SER B 329 7.44 -7.35 -27.14
N ASP B 330 6.44 -6.69 -27.75
CA ASP B 330 6.48 -5.24 -27.88
C ASP B 330 6.48 -4.56 -26.52
N GLN B 331 5.67 -5.06 -25.58
CA GLN B 331 5.61 -4.47 -24.26
C GLN B 331 6.90 -4.72 -23.48
N ASP B 332 7.16 -3.86 -22.50
CA ASP B 332 8.32 -3.97 -21.65
C ASP B 332 7.92 -4.39 -20.25
N ASN B 333 8.93 -4.65 -19.42
CA ASN B 333 8.73 -5.13 -18.04
C ASN B 333 7.87 -6.40 -18.03
N LEU B 334 8.25 -7.36 -18.87
CA LEU B 334 7.44 -8.56 -19.05
C LEU B 334 7.37 -9.38 -17.76
N VAL B 335 8.47 -9.45 -17.01
CA VAL B 335 8.54 -10.29 -15.81
C VAL B 335 7.54 -9.79 -14.77
N TRP B 336 7.56 -8.49 -14.49
CA TRP B 336 6.70 -7.95 -13.44
C TRP B 336 5.25 -7.82 -13.90
N LYS B 337 5.05 -7.42 -15.16
CA LYS B 337 3.70 -7.13 -15.64
C LYS B 337 2.84 -8.37 -15.69
N ARG B 338 3.34 -9.44 -16.33
CA ARG B 338 2.54 -10.65 -16.51
C ARG B 338 2.44 -11.49 -15.24
N ALA B 339 3.40 -11.38 -14.33
CA ALA B 339 3.30 -12.12 -13.08
C ALA B 339 2.09 -11.68 -12.27
N PHE B 340 1.85 -10.37 -12.22
CA PHE B 340 0.64 -9.86 -11.55
C PHE B 340 -0.61 -10.27 -12.30
N LEU B 341 -0.54 -10.31 -13.64
CA LEU B 341 -1.72 -10.63 -14.43
C LEU B 341 -2.21 -12.06 -14.16
N VAL B 342 -1.31 -13.03 -14.22
CA VAL B 342 -1.71 -14.42 -13.99
C VAL B 342 -2.14 -14.63 -12.55
N LEU B 343 -1.42 -14.03 -11.60
CA LEU B 343 -1.76 -14.19 -10.19
C LEU B 343 -3.04 -13.45 -9.84
N GLY B 344 -3.19 -12.23 -10.37
CA GLY B 344 -4.38 -11.45 -10.06
C GLY B 344 -5.65 -12.07 -10.59
N LEU B 345 -5.62 -12.57 -11.84
CA LEU B 345 -6.79 -13.23 -12.40
C LEU B 345 -7.09 -14.53 -11.67
N SER B 346 -6.05 -15.23 -11.21
CA SER B 346 -6.26 -16.46 -10.44
C SER B 346 -7.01 -16.18 -9.15
N VAL B 347 -6.61 -15.14 -8.43
CA VAL B 347 -7.29 -14.79 -7.19
C VAL B 347 -8.72 -14.33 -7.46
N LEU B 348 -8.91 -13.50 -8.48
CA LEU B 348 -10.23 -12.98 -8.79
C LEU B 348 -11.19 -14.09 -9.21
N ALA B 349 -10.68 -15.08 -9.95
CA ALA B 349 -11.54 -16.16 -10.43
C ALA B 349 -12.12 -16.96 -9.28
N VAL B 350 -11.30 -17.26 -8.27
CA VAL B 350 -11.79 -18.07 -7.15
C VAL B 350 -12.83 -17.30 -6.35
N PHE B 351 -12.57 -16.02 -6.06
CA PHE B 351 -13.53 -15.22 -5.32
C PHE B 351 -14.83 -15.04 -6.09
N SER B 352 -14.74 -14.80 -7.40
CA SER B 352 -15.94 -14.65 -8.21
C SER B 352 -16.76 -15.93 -8.22
N SER B 353 -16.10 -17.08 -8.35
CA SER B 353 -16.81 -18.35 -8.32
C SER B 353 -17.45 -18.60 -6.96
N THR B 354 -16.73 -18.31 -5.88
CA THR B 354 -17.28 -18.49 -4.54
C THR B 354 -18.46 -17.56 -4.30
N TYR B 355 -18.34 -16.30 -4.73
CA TYR B 355 -19.43 -15.35 -4.53
C TYR B 355 -20.65 -15.69 -5.38
N PHE B 356 -20.44 -16.28 -6.56
CA PHE B 356 -21.55 -16.60 -7.44
C PHE B 356 -22.47 -17.65 -6.81
N GLY B 357 -21.89 -18.66 -6.16
CA GLY B 357 -22.69 -19.66 -5.50
C GLY B 357 -22.17 -21.08 -5.63
N PHE B 358 -21.09 -21.26 -6.38
CA PHE B 358 -20.47 -22.57 -6.59
C PHE B 358 -18.98 -22.47 -6.27
N PRO B 359 -18.62 -22.53 -5.00
CA PRO B 359 -17.20 -22.48 -4.63
C PRO B 359 -16.46 -23.74 -5.07
N GLY B 360 -15.15 -23.58 -5.25
CA GLY B 360 -14.29 -24.68 -5.66
C GLY B 360 -13.98 -24.73 -7.14
N SER B 361 -14.79 -24.07 -7.98
CA SER B 361 -14.49 -24.03 -9.40
C SER B 361 -13.25 -23.19 -9.70
N GLY B 362 -12.94 -22.22 -8.83
CA GLY B 362 -11.76 -21.40 -9.03
C GLY B 362 -10.46 -22.19 -8.92
N GLY B 363 -10.44 -23.21 -8.08
CA GLY B 363 -9.23 -24.01 -7.94
C GLY B 363 -8.85 -24.72 -9.23
N LEU B 364 -9.85 -25.15 -9.99
CA LEU B 364 -9.56 -25.75 -11.30
C LEU B 364 -9.23 -24.68 -12.33
N CYS B 365 -9.86 -23.51 -12.22
CA CYS B 365 -9.65 -22.45 -13.21
C CYS B 365 -8.21 -21.96 -13.21
N THR B 366 -7.62 -21.78 -12.03
CA THR B 366 -6.25 -21.28 -11.96
C THR B 366 -5.25 -22.28 -12.53
N LEU B 367 -5.47 -23.57 -12.28
CA LEU B 367 -4.58 -24.59 -12.83
C LEU B 367 -4.65 -24.62 -14.35
N VAL B 368 -5.86 -24.53 -14.90
CA VAL B 368 -6.01 -24.52 -16.36
C VAL B 368 -5.38 -23.24 -16.94
N THR B 369 -5.63 -22.10 -16.30
CA THR B 369 -5.07 -20.84 -16.78
C THR B 369 -3.54 -20.86 -16.75
N ALA B 370 -2.96 -21.38 -15.67
CA ALA B 370 -1.51 -21.46 -15.59
C ALA B 370 -0.96 -22.43 -16.63
N PHE B 371 -1.60 -23.59 -16.80
CA PHE B 371 -1.16 -24.53 -17.82
C PHE B 371 -1.31 -23.98 -19.22
N LEU B 372 -2.43 -23.29 -19.50
CA LEU B 372 -2.62 -22.70 -20.82
C LEU B 372 -1.60 -21.59 -21.07
N ALA B 373 -1.29 -20.79 -20.05
CA ALA B 373 -0.30 -19.73 -20.21
C ALA B 373 1.07 -20.30 -20.56
N GLY B 374 1.47 -21.38 -19.87
CA GLY B 374 2.76 -21.98 -20.17
C GLY B 374 2.85 -22.53 -21.58
N ARG B 375 1.72 -22.96 -22.13
CA ARG B 375 1.70 -23.42 -23.52
C ARG B 375 2.07 -22.28 -24.47
N GLY B 376 1.55 -21.08 -24.20
CA GLY B 376 1.73 -19.94 -25.07
C GLY B 376 2.85 -18.98 -24.69
N TRP B 377 3.60 -19.25 -23.63
CA TRP B 377 4.72 -18.38 -23.30
C TRP B 377 5.86 -18.60 -24.27
N ALA B 378 6.59 -17.51 -24.55
CA ALA B 378 7.75 -17.55 -25.42
C ALA B 378 9.00 -17.85 -24.58
N SER B 379 8.98 -19.04 -23.97
CA SER B 379 10.05 -19.52 -23.10
C SER B 379 10.24 -18.61 -21.90
N THR B 380 9.21 -17.82 -21.57
CA THR B 380 9.26 -16.93 -20.40
C THR B 380 8.64 -17.63 -19.19
N LYS B 381 9.18 -18.81 -18.89
CA LYS B 381 8.69 -19.61 -17.76
C LYS B 381 9.46 -19.30 -16.49
N THR B 382 10.78 -19.47 -16.50
CA THR B 382 11.59 -19.21 -15.32
C THR B 382 11.63 -17.73 -14.95
N ASP B 383 11.30 -16.84 -15.88
CA ASP B 383 11.29 -15.41 -15.57
C ASP B 383 10.21 -15.07 -14.56
N VAL B 384 8.98 -15.55 -14.79
CA VAL B 384 7.89 -15.27 -13.89
C VAL B 384 7.81 -16.28 -12.75
N GLU B 385 8.49 -17.42 -12.86
CA GLU B 385 8.49 -18.39 -11.78
C GLU B 385 9.15 -17.84 -10.53
N LYS B 386 10.24 -17.08 -10.70
CA LYS B 386 10.95 -16.52 -9.55
C LYS B 386 10.06 -15.55 -8.77
N VAL B 387 9.30 -14.71 -9.48
CA VAL B 387 8.43 -13.75 -8.80
C VAL B 387 7.34 -14.46 -8.02
N ILE B 388 6.72 -15.48 -8.65
CA ILE B 388 5.67 -16.23 -7.97
C ILE B 388 6.25 -17.02 -6.81
N ALA B 389 7.47 -17.56 -6.96
CA ALA B 389 8.10 -18.29 -5.86
C ALA B 389 8.32 -17.40 -4.65
N VAL B 390 8.76 -16.16 -4.88
CA VAL B 390 8.92 -15.21 -3.77
C VAL B 390 7.57 -14.93 -3.14
N ALA B 391 6.53 -14.73 -3.95
CA ALA B 391 5.20 -14.47 -3.41
C ALA B 391 4.69 -15.66 -2.60
N TRP B 392 4.91 -16.89 -3.09
CA TRP B 392 4.50 -18.07 -2.34
C TRP B 392 5.27 -18.18 -1.03
N ASP B 393 6.57 -17.88 -1.05
CA ASP B 393 7.37 -17.94 0.17
C ASP B 393 6.88 -16.93 1.21
N ILE B 394 6.34 -15.80 0.76
CA ILE B 394 5.77 -14.84 1.70
C ILE B 394 4.49 -15.39 2.33
N PHE B 395 3.60 -15.96 1.50
CA PHE B 395 2.32 -16.44 2.01
C PHE B 395 2.43 -17.77 2.73
N GLN B 396 3.55 -18.47 2.60
CA GLN B 396 3.69 -19.78 3.26
C GLN B 396 3.59 -19.69 4.78
N PRO B 397 4.33 -18.82 5.47
CA PRO B 397 4.09 -18.68 6.92
C PRO B 397 2.69 -18.17 7.25
N LEU B 398 2.14 -17.31 6.40
CA LEU B 398 0.82 -16.74 6.66
C LEU B 398 -0.27 -17.81 6.58
N LEU B 399 -0.17 -18.71 5.60
CA LEU B 399 -1.22 -19.71 5.40
C LEU B 399 -1.28 -20.70 6.55
N PHE B 400 -0.12 -21.23 6.96
CA PHE B 400 -0.10 -22.20 8.04
C PHE B 400 -0.41 -21.56 9.39
N GLY B 401 -0.12 -20.26 9.54
CA GLY B 401 -0.43 -19.58 10.79
C GLY B 401 -1.93 -19.54 11.06
N LEU B 402 -2.72 -19.29 10.03
CA LEU B 402 -4.17 -19.24 10.21
C LEU B 402 -4.74 -20.61 10.55
N ILE B 403 -4.17 -21.67 9.98
CA ILE B 403 -4.69 -23.01 10.19
C ILE B 403 -4.56 -23.41 11.66
N GLY B 404 -3.40 -23.13 12.27
CA GLY B 404 -3.18 -23.51 13.65
C GLY B 404 -3.72 -22.55 14.68
N ALA B 405 -4.30 -21.44 14.25
CA ALA B 405 -4.81 -20.42 15.17
C ALA B 405 -6.33 -20.45 15.30
N GLU B 406 -6.94 -21.63 15.17
CA GLU B 406 -8.38 -21.78 15.33
C GLU B 406 -8.67 -23.03 16.16
N VAL B 407 -7.90 -23.23 17.22
CA VAL B 407 -8.05 -24.41 18.08
C VAL B 407 -8.34 -23.94 19.50
N LEU B 408 -8.97 -22.77 19.64
CA LEU B 408 -9.24 -22.23 20.96
C LEU B 408 -10.31 -23.02 21.70
N ILE B 409 -11.34 -23.49 20.97
CA ILE B 409 -12.46 -24.17 21.61
C ILE B 409 -12.01 -25.45 22.29
N THR B 410 -11.17 -26.24 21.60
CA THR B 410 -10.71 -27.53 22.11
C THR B 410 -9.27 -27.47 22.61
N ALA B 411 -8.90 -26.36 23.28
CA ALA B 411 -7.53 -26.22 23.77
C ALA B 411 -7.19 -27.32 24.77
N LEU B 412 -8.04 -27.50 25.79
CA LEU B 412 -7.87 -28.58 26.77
C LEU B 412 -9.24 -29.17 27.05
N ARG B 413 -9.63 -30.16 26.24
CA ARG B 413 -10.91 -30.86 26.39
C ARG B 413 -10.66 -32.36 26.26
N PRO B 414 -10.14 -33.00 27.31
CA PRO B 414 -9.92 -34.45 27.25
C PRO B 414 -11.22 -35.23 27.21
N GLU B 415 -11.53 -35.83 26.06
CA GLU B 415 -12.76 -36.58 25.85
C GLU B 415 -12.45 -37.90 25.15
N THR B 416 -11.44 -38.61 25.64
CA THR B 416 -10.99 -39.88 25.09
C THR B 416 -10.65 -39.73 23.60
N ILE B 417 -9.63 -38.91 23.34
CA ILE B 417 -9.19 -38.64 21.98
C ILE B 417 -8.44 -39.82 21.37
N GLY B 418 -8.12 -40.84 22.17
CA GLY B 418 -7.42 -42.00 21.64
C GLY B 418 -8.19 -42.74 20.57
N LEU B 419 -9.52 -42.77 20.70
CA LEU B 419 -10.35 -43.40 19.68
C LEU B 419 -10.21 -42.68 18.34
N CYS B 420 -10.17 -41.34 18.37
CA CYS B 420 -10.01 -40.58 17.14
C CYS B 420 -8.66 -40.84 16.49
N VAL B 421 -7.63 -41.08 17.30
CA VAL B 421 -6.30 -41.37 16.76
C VAL B 421 -6.32 -42.65 15.96
N ALA B 422 -7.01 -43.68 16.48
CA ALA B 422 -7.09 -44.95 15.76
C ALA B 422 -7.83 -44.79 14.44
N THR B 423 -8.91 -44.00 14.42
CA THR B 423 -9.68 -43.83 13.20
C THR B 423 -8.83 -43.16 12.10
N LEU B 424 -8.12 -42.10 12.45
CA LEU B 424 -7.28 -41.43 11.46
C LEU B 424 -6.06 -42.28 11.11
N GLY B 425 -5.51 -43.00 12.09
CA GLY B 425 -4.32 -43.81 11.82
C GLY B 425 -4.59 -44.94 10.86
N ILE B 426 -5.72 -45.64 11.02
CA ILE B 426 -6.06 -46.72 10.10
C ILE B 426 -6.31 -46.18 8.69
N ALA B 427 -7.04 -45.08 8.59
CA ALA B 427 -7.33 -44.50 7.28
C ALA B 427 -6.05 -44.04 6.59
N VAL B 428 -5.12 -43.45 7.33
CA VAL B 428 -3.83 -43.08 6.77
C VAL B 428 -3.07 -44.33 6.32
N LEU B 429 -3.10 -45.39 7.15
CA LEU B 429 -2.45 -46.64 6.77
C LEU B 429 -3.11 -47.24 5.53
N ILE B 430 -4.43 -47.19 5.46
CA ILE B 430 -5.13 -47.67 4.27
C ILE B 430 -4.79 -46.78 3.07
N ARG B 431 -4.63 -45.49 3.31
CA ARG B 431 -4.28 -44.56 2.23
C ARG B 431 -2.95 -44.96 1.57
N ILE B 432 -1.97 -45.36 2.38
CA ILE B 432 -0.69 -45.80 1.84
C ILE B 432 -0.86 -47.03 0.96
N LEU B 433 -1.64 -48.01 1.45
CA LEU B 433 -1.80 -49.26 0.72
C LEU B 433 -2.54 -49.05 -0.59
N VAL B 434 -3.62 -48.27 -0.59
CA VAL B 434 -4.41 -48.08 -1.80
C VAL B 434 -3.63 -47.28 -2.84
N THR B 435 -2.87 -46.28 -2.40
CA THR B 435 -2.06 -45.50 -3.34
C THR B 435 -0.98 -46.37 -3.98
N TYR B 436 -0.37 -47.26 -3.19
CA TYR B 436 0.62 -48.19 -3.72
C TYR B 436 -0.01 -49.13 -4.75
N LEU B 437 -1.24 -49.57 -4.49
CA LEU B 437 -1.92 -50.48 -5.42
C LEU B 437 -2.24 -49.79 -6.73
N MET B 438 -2.61 -48.51 -6.69
CA MET B 438 -3.04 -47.81 -7.90
C MET B 438 -1.89 -47.47 -8.83
N VAL B 439 -0.64 -47.66 -8.41
CA VAL B 439 0.51 -47.28 -9.23
C VAL B 439 1.30 -48.53 -9.61
N CYS B 440 0.63 -49.67 -9.73
CA CYS B 440 1.26 -50.91 -10.11
C CYS B 440 1.02 -51.27 -11.57
N PHE B 441 0.55 -50.34 -12.39
CA PHE B 441 0.22 -50.64 -13.78
C PHE B 441 1.47 -50.71 -14.65
N ALA B 442 2.21 -49.61 -14.74
CA ALA B 442 3.39 -49.55 -15.59
C ALA B 442 4.26 -48.38 -15.16
N GLY B 443 5.50 -48.39 -15.63
CA GLY B 443 6.44 -47.32 -15.37
C GLY B 443 7.09 -47.39 -14.00
N PHE B 444 6.28 -47.31 -12.95
CA PHE B 444 6.78 -47.36 -11.58
C PHE B 444 7.19 -48.79 -11.25
N ASN B 445 8.50 -49.06 -11.27
CA ASN B 445 8.98 -50.43 -11.09
C ASN B 445 9.04 -50.82 -9.62
N ILE B 446 9.90 -50.16 -8.84
CA ILE B 446 10.02 -50.47 -7.41
C ILE B 446 9.94 -49.20 -6.58
N LYS B 447 10.86 -48.26 -6.84
CA LYS B 447 10.99 -47.09 -5.97
C LYS B 447 9.90 -46.06 -6.22
N GLU B 448 9.44 -45.93 -7.47
CA GLU B 448 8.47 -44.89 -7.79
C GLU B 448 7.15 -45.13 -7.09
N LYS B 449 6.78 -46.40 -6.86
CA LYS B 449 5.55 -46.70 -6.12
C LYS B 449 5.62 -46.16 -4.70
N ILE B 450 6.76 -46.34 -4.03
CA ILE B 450 6.90 -45.92 -2.64
C ILE B 450 6.81 -44.40 -2.53
N PHE B 451 7.48 -43.69 -3.43
CA PHE B 451 7.48 -42.23 -3.37
C PHE B 451 6.09 -41.66 -3.58
N ILE B 452 5.34 -42.20 -4.54
CA ILE B 452 3.98 -41.73 -4.79
C ILE B 452 3.08 -42.02 -3.60
N SER B 453 3.21 -43.21 -3.00
CA SER B 453 2.37 -43.58 -1.87
C SER B 453 2.59 -42.63 -0.69
N PHE B 454 3.85 -42.29 -0.42
CA PHE B 454 4.15 -41.38 0.69
C PHE B 454 3.93 -39.92 0.33
N ALA B 455 3.63 -39.61 -0.92
CA ALA B 455 3.38 -38.23 -1.33
C ALA B 455 1.96 -37.77 -1.05
N TRP B 456 1.08 -38.67 -0.63
CA TRP B 456 -0.31 -38.33 -0.31
C TRP B 456 -0.54 -38.20 1.20
N LEU B 457 0.54 -38.20 1.99
CA LEU B 457 0.38 -38.12 3.44
C LEU B 457 -0.02 -36.72 3.91
N PRO B 458 0.71 -35.65 3.59
CA PRO B 458 0.42 -34.36 4.23
C PRO B 458 -0.94 -33.80 3.83
N LYS B 459 -1.53 -33.04 4.74
CA LYS B 459 -2.83 -32.41 4.56
C LYS B 459 -2.72 -30.94 4.94
N ALA B 460 -3.63 -30.13 4.41
CA ALA B 460 -3.54 -28.68 4.57
C ALA B 460 -4.95 -28.10 4.59
N THR B 461 -5.04 -26.79 4.35
CA THR B 461 -6.23 -25.96 4.53
C THR B 461 -7.53 -26.57 4.05
N VAL B 462 -7.46 -27.45 3.05
CA VAL B 462 -8.69 -28.00 2.47
C VAL B 462 -9.54 -28.68 3.54
N GLN B 463 -8.92 -29.43 4.44
CA GLN B 463 -9.66 -30.02 5.55
C GLN B 463 -10.15 -28.94 6.53
N ALA B 464 -9.31 -27.94 6.79
CA ALA B 464 -9.68 -26.89 7.74
C ALA B 464 -10.88 -26.08 7.27
N ALA B 465 -10.92 -25.75 5.98
CA ALA B 465 -12.01 -24.93 5.46
C ALA B 465 -13.35 -25.64 5.57
N ILE B 466 -13.41 -26.90 5.12
CA ILE B 466 -14.67 -27.64 5.16
C ILE B 466 -15.07 -27.97 6.59
N GLY B 467 -14.07 -28.19 7.46
CA GLY B 467 -14.39 -28.47 8.86
C GLY B 467 -15.08 -27.32 9.55
N SER B 468 -14.63 -26.09 9.28
CA SER B 468 -15.27 -24.92 9.85
C SER B 468 -16.70 -24.76 9.34
N VAL B 469 -16.92 -25.05 8.05
CA VAL B 469 -18.26 -24.93 7.48
C VAL B 469 -19.22 -25.92 8.15
N ALA B 470 -18.75 -27.14 8.41
CA ALA B 470 -19.59 -28.13 9.08
C ALA B 470 -19.99 -27.66 10.47
N LEU B 471 -19.05 -27.07 11.20
CA LEU B 471 -19.36 -26.53 12.53
C LEU B 471 -20.38 -25.39 12.43
N ASP B 472 -20.21 -24.50 11.45
CA ASP B 472 -21.15 -23.38 11.30
C ASP B 472 -22.54 -23.88 10.96
N THR B 473 -22.66 -24.85 10.06
CA THR B 473 -23.96 -25.41 9.74
C THR B 473 -24.56 -26.14 10.93
N ALA B 474 -23.72 -26.84 11.69
CA ALA B 474 -24.21 -27.54 12.88
C ALA B 474 -24.73 -26.57 13.93
N ARG B 475 -24.02 -25.45 14.13
CA ARG B 475 -24.42 -24.48 15.14
C ARG B 475 -25.32 -23.40 14.57
N SER B 476 -26.35 -23.81 13.86
CA SER B 476 -27.38 -22.89 13.39
C SER B 476 -28.78 -23.30 13.82
N HIS B 477 -29.12 -24.59 13.70
CA HIS B 477 -30.40 -25.10 14.18
C HIS B 477 -30.24 -26.47 14.83
N GLY B 478 -29.04 -26.78 15.31
CA GLY B 478 -28.73 -28.09 15.86
C GLY B 478 -28.75 -28.10 17.38
N GLU B 479 -29.08 -29.27 17.93
CA GLU B 479 -29.15 -29.44 19.38
C GLU B 479 -27.80 -29.95 19.90
N LYS B 480 -27.80 -30.43 21.15
CA LYS B 480 -26.55 -30.81 21.80
C LYS B 480 -25.87 -31.99 21.11
N GLN B 481 -26.65 -33.00 20.71
CA GLN B 481 -26.07 -34.19 20.10
C GLN B 481 -25.38 -33.85 18.79
N LEU B 482 -25.99 -33.00 17.97
CA LEU B 482 -25.35 -32.55 16.74
C LEU B 482 -24.09 -31.75 17.03
N GLU B 483 -24.13 -30.90 18.06
CA GLU B 483 -22.95 -30.14 18.47
C GLU B 483 -21.84 -31.08 18.94
N GLY B 484 -22.19 -32.10 19.73
CA GLY B 484 -21.19 -33.03 20.20
C GLY B 484 -20.54 -33.82 19.08
N TYR B 485 -21.35 -34.27 18.11
CA TYR B 485 -20.80 -34.98 16.96
C TYR B 485 -19.91 -34.07 16.12
N GLY B 486 -20.32 -32.82 15.93
CA GLY B 486 -19.50 -31.89 15.18
C GLY B 486 -18.17 -31.60 15.85
N MET B 487 -18.17 -31.55 17.19
CA MET B 487 -16.93 -31.33 17.91
C MET B 487 -15.94 -32.48 17.69
N ASP B 488 -16.45 -33.71 17.68
CA ASP B 488 -15.58 -34.86 17.44
C ASP B 488 -14.96 -34.81 16.05
N VAL B 489 -15.73 -34.37 15.05
CA VAL B 489 -15.19 -34.24 13.69
C VAL B 489 -14.07 -33.21 13.66
N LEU B 490 -14.24 -32.10 14.39
CA LEU B 490 -13.20 -31.09 14.43
C LEU B 490 -11.92 -31.62 15.08
N THR B 491 -12.06 -32.39 16.15
CA THR B 491 -10.88 -32.88 16.88
C THR B 491 -10.04 -33.79 16.01
N VAL B 492 -10.67 -34.73 15.30
CA VAL B 492 -9.92 -35.65 14.45
C VAL B 492 -9.34 -34.91 13.25
N ALA B 493 -10.10 -33.96 12.70
CA ALA B 493 -9.61 -33.21 11.54
C ALA B 493 -8.42 -32.33 11.91
N PHE B 494 -8.50 -31.61 13.04
CA PHE B 494 -7.39 -30.78 13.48
C PHE B 494 -6.18 -31.64 13.84
N LEU B 495 -6.41 -32.77 14.52
CA LEU B 495 -5.31 -33.63 14.91
C LEU B 495 -4.60 -34.22 13.68
N SER B 496 -5.37 -34.53 12.63
CA SER B 496 -4.77 -35.06 11.42
C SER B 496 -3.80 -34.06 10.80
N ILE B 497 -4.19 -32.78 10.76
CA ILE B 497 -3.31 -31.74 10.22
C ILE B 497 -2.07 -31.61 11.08
N ILE B 498 -2.21 -31.76 12.39
CA ILE B 498 -1.07 -31.63 13.29
C ILE B 498 -0.07 -32.76 13.04
N ILE B 499 -0.56 -33.96 12.73
CA ILE B 499 0.29 -35.14 12.65
C ILE B 499 0.85 -35.35 11.24
N THR B 500 -0.04 -35.57 10.26
CA THR B 500 0.43 -36.06 8.97
C THR B 500 1.04 -34.96 8.12
N ALA B 501 0.78 -33.69 8.43
CA ALA B 501 1.30 -32.61 7.58
C ALA B 501 2.80 -32.41 7.79
N PRO B 502 3.30 -32.18 9.01
CA PRO B 502 4.75 -31.99 9.15
C PRO B 502 5.54 -33.27 8.96
N VAL B 503 5.03 -34.41 9.44
CA VAL B 503 5.73 -35.67 9.27
C VAL B 503 5.78 -36.05 7.80
N GLY B 504 4.65 -35.89 7.09
CA GLY B 504 4.63 -36.21 5.67
C GLY B 504 5.54 -35.32 4.85
N SER B 505 5.53 -34.01 5.14
CA SER B 505 6.41 -33.09 4.43
C SER B 505 7.87 -33.39 4.74
N LEU B 506 8.18 -33.71 6.00
CA LEU B 506 9.54 -34.09 6.37
C LEU B 506 9.96 -35.39 5.69
N LEU B 507 9.05 -36.36 5.63
CA LEU B 507 9.41 -37.66 5.08
C LEU B 507 9.74 -37.57 3.59
N ILE B 508 8.93 -36.84 2.83
CA ILE B 508 9.17 -36.74 1.39
C ILE B 508 10.43 -35.94 1.11
N GLY B 509 10.74 -34.95 1.96
CA GLY B 509 11.93 -34.15 1.75
C GLY B 509 13.21 -34.97 1.86
N LEU B 510 13.29 -35.84 2.86
CA LEU B 510 14.49 -36.66 3.04
C LEU B 510 14.51 -37.89 2.15
N LEU B 511 13.34 -38.40 1.75
CA LEU B 511 13.28 -39.58 0.91
C LEU B 511 13.49 -39.30 -0.56
N GLY B 512 13.38 -38.03 -0.98
CA GLY B 512 13.60 -37.66 -2.36
C GLY B 512 14.99 -38.00 -2.86
N PRO B 513 16.02 -37.52 -2.17
CA PRO B 513 17.39 -37.89 -2.53
C PRO B 513 17.80 -39.29 -2.09
N ARG B 514 16.91 -40.04 -1.44
CA ARG B 514 17.24 -41.36 -0.93
C ARG B 514 16.41 -42.49 -1.53
N LEU B 515 15.51 -42.20 -2.46
CA LEU B 515 14.69 -43.24 -3.07
C LEU B 515 14.77 -43.27 -4.58
N LEU B 516 14.83 -42.11 -5.23
CA LEU B 516 14.81 -42.03 -6.69
C LEU B 516 16.05 -41.34 -7.24
N GLN B 517 17.20 -41.53 -6.59
CA GLN B 517 18.44 -40.93 -7.05
C GLN B 517 19.18 -41.89 -7.99
#